data_3W6D
#
_entry.id   3W6D
#
_cell.length_a   99.369
_cell.length_b   99.369
_cell.length_c   242.795
_cell.angle_alpha   90.000
_cell.angle_beta   90.000
_cell.angle_gamma   120.000
#
_symmetry.space_group_name_H-M   'P 61 2 2'
#
loop_
_entity.id
_entity.type
_entity.pdbx_description
1 polymer 'Lysozyme-like chitinolytic enzyme'
2 branched 2-acetamido-2-deoxy-beta-D-glucopyranose-(1-4)-2-acetamido-2-deoxy-beta-D-glucopyranose-(1-4)-2-acetamido-2-deoxy-beta-D-glucopyranose-(1-4)-2-acetamido-2-deoxy-beta-D-glucopyranose
3 branched 2-acetamido-2-deoxy-beta-D-glucopyranose-(1-4)-2-acetamido-2-deoxy-beta-D-glucopyranose-(1-4)-2-acetamido-2-deoxy-beta-D-glucopyranose
4 water water
#
_entity_poly.entity_id   1
_entity_poly.type   'polypeptide(L)'
_entity_poly.pdbx_seq_one_letter_code
;MNHKVHHHHHHIEGRHMGTTPSDPPTNPPTTVTKPAEVPSRIWTYVMNADNAYGKGGDFALLLSAVIKKQSYFGDGLSGS
PSAGDGLMQVEPNTRNAYLSQFSAKYGHAYNHSSEQDQVYMGSLILNEKIVRFGSIYSGLLHYNGGDYWYPGATDSYGRP
ILADQYANTVYAQYKSYGGRYSR
;
_entity_poly.pdbx_strand_id   A,B,C,D
#
loop_
_chem_comp.id
_chem_comp.type
_chem_comp.name
_chem_comp.formula
NAG D-saccharide, beta linking 2-acetamido-2-deoxy-beta-D-glucopyranose 'C8 H15 N O6'
#
# COMPACT_ATOMS: atom_id res chain seq x y z
N THR A 31 2.71 6.08 16.09
CA THR A 31 3.24 5.44 14.85
C THR A 31 3.00 6.33 13.62
N VAL A 32 4.06 6.82 12.98
CA VAL A 32 5.45 6.57 13.38
C VAL A 32 6.18 7.89 13.64
N THR A 33 7.20 7.84 14.50
CA THR A 33 7.98 9.03 14.84
C THR A 33 9.43 8.88 14.36
N LYS A 34 10.03 9.99 13.97
CA LYS A 34 11.45 10.03 13.64
C LYS A 34 12.28 9.60 14.85
N PRO A 35 13.12 8.55 14.68
CA PRO A 35 14.04 8.19 15.75
C PRO A 35 15.01 9.33 16.01
N ALA A 36 15.17 9.68 17.28
CA ALA A 36 15.99 10.84 17.68
C ALA A 36 17.36 10.87 17.00
N GLU A 37 18.03 9.71 16.95
CA GLU A 37 19.39 9.59 16.43
C GLU A 37 19.52 9.74 14.91
N VAL A 38 18.40 9.61 14.20
CA VAL A 38 18.38 9.81 12.74
C VAL A 38 18.37 11.31 12.44
N PRO A 39 19.35 11.79 11.64
CA PRO A 39 19.38 13.21 11.26
C PRO A 39 18.15 13.57 10.43
N SER A 40 17.66 14.80 10.59
CA SER A 40 16.39 15.22 10.00
C SER A 40 16.42 15.28 8.46
N ARG A 41 17.58 15.55 7.89
CA ARG A 41 17.74 15.51 6.43
C ARG A 41 17.55 14.08 5.88
N ILE A 42 18.01 13.08 6.65
CA ILE A 42 17.89 11.68 6.26
C ILE A 42 16.44 11.22 6.38
N TRP A 43 15.76 11.69 7.43
CA TRP A 43 14.37 11.32 7.66
C TRP A 43 13.49 11.77 6.51
N THR A 44 13.78 12.95 5.97
CA THR A 44 13.08 13.49 4.82
C THR A 44 13.26 12.61 3.59
N TYR A 45 14.49 12.18 3.32
CA TYR A 45 14.77 11.30 2.18
C TYR A 45 13.98 9.98 2.31
N VAL A 46 14.03 9.36 3.49
CA VAL A 46 13.42 8.05 3.69
C VAL A 46 11.89 8.10 3.70
N MET A 47 11.35 9.21 4.22
CA MET A 47 9.92 9.45 4.21
C MET A 47 9.40 9.68 2.78
N ASN A 48 10.19 10.38 1.97
CA ASN A 48 9.88 10.52 0.54
C ASN A 48 9.86 9.16 -0.18
N ALA A 49 10.83 8.30 0.16
CA ALA A 49 10.88 6.95 -0.38
C ALA A 49 9.68 6.13 0.11
N ASP A 50 9.36 6.27 1.39
CA ASP A 50 8.20 5.59 1.98
C ASP A 50 6.92 5.97 1.26
N ASN A 51 6.71 7.28 1.05
CA ASN A 51 5.55 7.80 0.31
C ASN A 51 5.42 7.18 -1.07
N ALA A 52 6.54 7.02 -1.77
CA ALA A 52 6.57 6.47 -3.12
C ALA A 52 6.12 5.01 -3.18
N TYR A 53 6.25 4.28 -2.07
CA TYR A 53 5.83 2.87 -1.99
C TYR A 53 4.61 2.64 -1.11
N GLY A 54 3.98 3.73 -0.66
CA GLY A 54 2.80 3.69 0.19
C GLY A 54 2.95 2.76 1.38
N LYS A 55 3.92 3.06 2.25
CA LYS A 55 4.26 2.15 3.35
C LYS A 55 3.92 2.65 4.74
N GLY A 56 3.20 3.77 4.82
CA GLY A 56 2.72 4.33 6.08
C GLY A 56 3.78 4.75 7.08
N GLY A 57 5.01 5.01 6.61
CA GLY A 57 6.11 5.41 7.47
C GLY A 57 6.97 4.27 8.01
N ASP A 58 6.50 3.03 7.84
CA ASP A 58 7.25 1.85 8.28
C ASP A 58 8.53 1.56 7.48
N PHE A 59 8.47 1.74 6.16
CA PHE A 59 9.62 1.53 5.28
C PHE A 59 10.72 2.53 5.65
N ALA A 60 10.31 3.75 5.98
CA ALA A 60 11.21 4.81 6.40
C ALA A 60 12.04 4.41 7.63
N LEU A 61 11.43 3.67 8.55
CA LEU A 61 12.14 3.10 9.70
C LEU A 61 13.21 2.08 9.28
N LEU A 62 12.84 1.19 8.37
CA LEU A 62 13.77 0.21 7.82
C LEU A 62 14.92 0.86 7.05
N LEU A 63 14.59 1.86 6.24
CA LEU A 63 15.59 2.59 5.46
C LEU A 63 16.55 3.37 6.35
N SER A 64 16.03 3.93 7.45
CA SER A 64 16.85 4.56 8.47
C SER A 64 17.89 3.59 9.04
N ALA A 65 17.47 2.36 9.31
CA ALA A 65 18.35 1.31 9.84
C ALA A 65 19.42 0.93 8.81
N VAL A 66 19.01 0.75 7.56
CA VAL A 66 19.92 0.45 6.46
C VAL A 66 20.99 1.55 6.30
N ILE A 67 20.57 2.81 6.22
CA ILE A 67 21.48 3.95 6.06
C ILE A 67 22.46 4.10 7.23
N LYS A 68 21.97 3.85 8.44
CA LYS A 68 22.82 3.88 9.64
C LYS A 68 23.95 2.84 9.51
N LYS A 69 23.60 1.66 9.01
CA LYS A 69 24.56 0.57 8.86
C LYS A 69 25.52 0.80 7.70
N GLN A 70 24.99 1.23 6.55
CA GLN A 70 25.78 1.34 5.32
C GLN A 70 26.77 2.52 5.33
N SER A 71 26.34 3.67 5.84
CA SER A 71 27.13 4.89 5.68
C SER A 71 27.19 5.76 6.94
N TYR A 72 26.53 5.30 7.99
CA TYR A 72 26.23 6.12 9.18
C TYR A 72 25.79 7.53 8.80
N PHE A 73 24.71 7.60 8.02
CA PHE A 73 24.08 8.86 7.59
C PHE A 73 25.03 9.78 6.80
N GLY A 74 26.13 9.20 6.32
CA GLY A 74 27.12 9.95 5.56
C GLY A 74 28.44 10.17 6.30
N ASP A 75 28.42 10.01 7.62
CA ASP A 75 29.60 10.27 8.47
C ASP A 75 30.59 9.11 8.53
N GLY A 76 30.14 7.91 8.19
CA GLY A 76 30.99 6.72 8.26
C GLY A 76 31.60 6.33 6.92
N LEU A 77 31.59 7.27 5.97
CA LEU A 77 32.03 7.01 4.59
C LEU A 77 33.54 7.18 4.39
N SER A 78 34.09 8.31 4.83
CA SER A 78 35.48 8.64 4.56
C SER A 78 36.43 7.55 5.08
N GLY A 79 37.41 7.20 4.25
CA GLY A 79 38.36 6.14 4.58
C GLY A 79 38.10 4.82 3.85
N SER A 80 36.86 4.64 3.39
CA SER A 80 36.45 3.40 2.73
C SER A 80 36.65 3.43 1.21
N PRO A 81 37.06 2.28 0.61
CA PRO A 81 37.16 2.19 -0.84
C PRO A 81 35.81 2.35 -1.55
N SER A 82 34.71 2.15 -0.81
CA SER A 82 33.36 2.28 -1.34
C SER A 82 32.66 3.57 -0.87
N ALA A 83 33.46 4.51 -0.37
CA ALA A 83 32.97 5.82 0.07
C ALA A 83 32.07 6.49 -0.96
N GLY A 84 32.50 6.45 -2.23
CA GLY A 84 31.80 7.13 -3.32
C GLY A 84 30.44 6.59 -3.70
N ASP A 85 30.06 5.44 -3.12
CA ASP A 85 28.79 4.78 -3.44
C ASP A 85 27.60 5.37 -2.69
N GLY A 86 27.88 6.31 -1.78
CA GLY A 86 26.83 7.10 -1.14
C GLY A 86 26.05 6.44 -0.02
N LEU A 87 24.91 7.04 0.30
CA LEU A 87 24.17 6.77 1.54
C LEU A 87 23.76 5.32 1.81
N MET A 88 23.35 4.62 0.76
CA MET A 88 22.92 3.22 0.90
C MET A 88 23.93 2.26 0.30
N GLN A 89 25.07 2.82 -0.12
CA GLN A 89 26.22 2.04 -0.55
C GLN A 89 25.94 1.08 -1.71
N VAL A 90 25.01 1.46 -2.58
CA VAL A 90 24.69 0.64 -3.75
C VAL A 90 25.92 0.63 -4.66
N GLU A 91 26.41 -0.57 -5.00
CA GLU A 91 27.60 -0.73 -5.82
C GLU A 91 27.37 -0.24 -7.25
N PRO A 92 28.42 0.25 -7.93
CA PRO A 92 28.29 0.80 -9.27
C PRO A 92 27.62 -0.14 -10.30
N ASN A 93 28.01 -1.41 -10.31
CA ASN A 93 27.39 -2.36 -11.25
C ASN A 93 25.90 -2.62 -10.95
N THR A 94 25.54 -2.50 -9.67
CA THR A 94 24.15 -2.69 -9.24
C THR A 94 23.30 -1.46 -9.57
N ARG A 95 23.83 -0.25 -9.31
CA ARG A 95 23.15 0.98 -9.73
C ARG A 95 22.86 0.93 -11.22
N ASN A 96 23.85 0.49 -11.99
CA ASN A 96 23.80 0.46 -13.45
C ASN A 96 22.69 -0.44 -13.99
N ALA A 97 22.48 -1.57 -13.33
CA ALA A 97 21.43 -2.52 -13.71
C ALA A 97 20.01 -1.97 -13.51
N TYR A 98 19.84 -1.03 -12.57
CA TYR A 98 18.52 -0.52 -12.20
C TYR A 98 18.18 0.88 -12.74
N LEU A 99 19.00 1.40 -13.65
CA LEU A 99 18.84 2.79 -14.10
C LEU A 99 17.51 3.08 -14.79
N SER A 100 17.13 2.24 -15.76
CA SER A 100 15.85 2.43 -16.46
C SER A 100 14.66 2.30 -15.51
N GLN A 101 14.75 1.36 -14.57
CA GLN A 101 13.69 1.12 -13.61
C GLN A 101 13.53 2.29 -12.64
N PHE A 102 14.67 2.86 -12.20
CA PHE A 102 14.68 4.07 -11.39
C PHE A 102 13.96 5.21 -12.09
N SER A 103 14.29 5.42 -13.35
CA SER A 103 13.71 6.51 -14.13
C SER A 103 12.19 6.32 -14.26
N ALA A 104 11.77 5.07 -14.48
CA ALA A 104 10.35 4.76 -14.58
C ALA A 104 9.61 5.00 -13.26
N LYS A 105 10.19 4.56 -12.15
CA LYS A 105 9.58 4.70 -10.84
C LYS A 105 9.48 6.16 -10.39
N TYR A 106 10.56 6.91 -10.56
CA TYR A 106 10.65 8.26 -9.99
C TYR A 106 10.49 9.43 -10.96
N GLY A 107 10.53 9.16 -12.26
CA GLY A 107 10.22 10.17 -13.26
C GLY A 107 11.39 11.04 -13.69
N HIS A 108 12.59 10.71 -13.22
CA HIS A 108 13.80 11.40 -13.66
C HIS A 108 15.00 10.45 -13.63
N ALA A 109 16.01 10.74 -14.45
CA ALA A 109 17.22 9.93 -14.51
C ALA A 109 17.95 9.98 -13.17
N TYR A 110 18.43 8.82 -12.72
CA TYR A 110 19.21 8.73 -11.49
C TYR A 110 20.39 9.71 -11.47
N ASN A 111 20.48 10.52 -10.43
CA ASN A 111 21.57 11.46 -10.25
C ASN A 111 22.35 11.10 -8.98
N HIS A 112 23.53 10.51 -9.15
CA HIS A 112 24.30 10.01 -8.02
C HIS A 112 24.76 11.10 -7.04
N SER A 113 24.84 12.34 -7.51
CA SER A 113 25.19 13.47 -6.66
C SER A 113 24.04 13.87 -5.75
N SER A 114 22.84 13.40 -6.06
CA SER A 114 21.67 13.70 -5.26
C SER A 114 21.51 12.63 -4.18
N GLU A 115 21.54 13.07 -2.92
CA GLU A 115 21.36 12.16 -1.79
C GLU A 115 19.96 11.55 -1.75
N GLN A 116 18.95 12.32 -2.14
CA GLN A 116 17.58 11.82 -2.26
C GLN A 116 17.48 10.69 -3.29
N ASP A 117 18.14 10.87 -4.45
CA ASP A 117 18.21 9.82 -5.47
C ASP A 117 18.95 8.57 -4.97
N GLN A 118 20.03 8.78 -4.23
CA GLN A 118 20.78 7.67 -3.62
C GLN A 118 19.83 6.83 -2.78
N VAL A 119 19.01 7.50 -1.96
CA VAL A 119 18.03 6.85 -1.10
C VAL A 119 16.91 6.22 -1.92
N TYR A 120 16.44 6.92 -2.95
CA TYR A 120 15.43 6.39 -3.88
C TYR A 120 15.91 5.10 -4.59
N MET A 121 17.19 5.07 -4.93
CA MET A 121 17.75 3.92 -5.65
C MET A 121 17.89 2.72 -4.71
N GLY A 122 18.51 2.94 -3.56
CA GLY A 122 18.62 1.90 -2.54
C GLY A 122 17.26 1.35 -2.13
N SER A 123 16.29 2.25 -1.97
CA SER A 123 14.91 1.89 -1.62
C SER A 123 14.24 1.02 -2.67
N LEU A 124 14.48 1.33 -3.93
CA LEU A 124 13.89 0.61 -5.04
C LEU A 124 14.41 -0.83 -5.07
N ILE A 125 15.71 -0.97 -4.87
CA ILE A 125 16.35 -2.29 -4.90
C ILE A 125 15.92 -3.11 -3.68
N LEU A 126 15.89 -2.50 -2.50
CA LEU A 126 15.48 -3.20 -1.28
C LEU A 126 14.01 -3.61 -1.34
N ASN A 127 13.15 -2.72 -1.82
CA ASN A 127 11.74 -3.07 -2.04
C ASN A 127 11.63 -4.26 -2.97
N GLU A 128 12.35 -4.21 -4.10
CA GLU A 128 12.35 -5.30 -5.07
C GLU A 128 12.75 -6.64 -4.43
N LYS A 129 13.80 -6.63 -3.62
CA LYS A 129 14.25 -7.85 -2.93
C LYS A 129 13.21 -8.37 -1.93
N ILE A 130 12.64 -7.47 -1.14
CA ILE A 130 11.63 -7.83 -0.12
C ILE A 130 10.40 -8.48 -0.77
N VAL A 131 9.92 -7.88 -1.86
CA VAL A 131 8.77 -8.42 -2.62
C VAL A 131 9.15 -9.75 -3.29
N ARG A 132 10.28 -9.76 -4.01
CA ARG A 132 10.68 -10.94 -4.77
C ARG A 132 10.97 -12.16 -3.89
N PHE A 133 11.74 -11.97 -2.83
CA PHE A 133 12.10 -13.08 -1.93
C PHE A 133 11.02 -13.42 -0.90
N GLY A 134 10.16 -12.45 -0.59
CA GLY A 134 8.97 -12.69 0.22
C GLY A 134 9.00 -12.23 1.66
N SER A 135 10.12 -11.64 2.10
CA SER A 135 10.23 -11.20 3.49
C SER A 135 11.28 -10.10 3.69
N ILE A 136 11.19 -9.41 4.81
CA ILE A 136 12.14 -8.36 5.18
C ILE A 136 13.56 -8.92 5.39
N TYR A 137 13.67 -9.94 6.23
CA TYR A 137 14.96 -10.54 6.55
C TYR A 137 15.71 -10.98 5.30
N SER A 138 15.01 -11.70 4.43
CA SER A 138 15.57 -12.19 3.17
C SER A 138 15.87 -11.02 2.21
N GLY A 139 15.03 -10.00 2.24
CA GLY A 139 15.25 -8.78 1.45
C GLY A 139 16.55 -8.10 1.86
N LEU A 140 16.76 -7.99 3.16
CA LEU A 140 17.98 -7.42 3.74
C LEU A 140 19.23 -8.25 3.42
N LEU A 141 19.12 -9.58 3.58
CA LEU A 141 20.25 -10.47 3.32
C LEU A 141 20.71 -10.35 1.87
N HIS A 142 19.77 -10.38 0.93
CA HIS A 142 20.08 -10.34 -0.49
C HIS A 142 20.36 -8.93 -1.03
N TYR A 143 19.88 -7.90 -0.34
CA TYR A 143 20.32 -6.53 -0.62
C TYR A 143 21.82 -6.38 -0.37
N ASN A 144 22.28 -6.93 0.74
CA ASN A 144 23.67 -6.85 1.15
C ASN A 144 24.57 -7.86 0.44
N GLY A 145 24.04 -9.06 0.16
CA GLY A 145 24.85 -10.13 -0.42
C GLY A 145 24.64 -10.37 -1.90
N GLY A 146 23.57 -9.80 -2.46
CA GLY A 146 23.14 -10.13 -3.81
C GLY A 146 22.29 -11.39 -3.77
N ASP A 147 21.78 -11.81 -4.93
CA ASP A 147 20.87 -12.96 -5.00
C ASP A 147 21.57 -14.30 -4.78
N TYR A 148 22.89 -14.33 -4.98
CA TYR A 148 23.65 -15.58 -4.93
C TYR A 148 24.73 -15.56 -3.84
N TRP A 149 24.44 -14.86 -2.74
CA TRP A 149 25.36 -14.80 -1.61
C TRP A 149 25.55 -16.18 -0.97
N TYR A 150 26.79 -16.46 -0.61
CA TYR A 150 27.17 -17.65 0.15
C TYR A 150 28.25 -17.18 1.14
N PRO A 151 28.44 -17.89 2.27
CA PRO A 151 29.48 -17.46 3.21
C PRO A 151 30.86 -17.52 2.56
N GLY A 152 31.58 -16.40 2.61
CA GLY A 152 32.88 -16.29 1.93
C GLY A 152 32.82 -15.50 0.62
N ALA A 153 31.61 -15.11 0.20
CA ALA A 153 31.45 -14.22 -0.94
C ALA A 153 32.05 -12.84 -0.64
N THR A 154 32.58 -12.20 -1.69
CA THR A 154 33.23 -10.90 -1.57
C THR A 154 32.59 -9.85 -2.48
N ASP A 155 32.64 -8.58 -2.07
CA ASP A 155 31.99 -7.51 -2.83
C ASP A 155 32.84 -6.99 -3.99
N SER A 156 32.42 -5.89 -4.61
CA SER A 156 33.14 -5.31 -5.75
C SER A 156 34.53 -4.79 -5.38
N TYR A 157 34.78 -4.66 -4.07
CA TYR A 157 36.06 -4.19 -3.55
C TYR A 157 36.81 -5.32 -2.83
N GLY A 158 36.34 -6.55 -3.05
CA GLY A 158 36.99 -7.75 -2.52
C GLY A 158 36.83 -7.99 -1.04
N ARG A 159 35.90 -7.27 -0.41
CA ARG A 159 35.64 -7.40 1.02
C ARG A 159 34.64 -8.54 1.29
N PRO A 160 34.90 -9.35 2.34
CA PRO A 160 33.97 -10.45 2.68
C PRO A 160 32.62 -9.93 3.16
N ILE A 161 31.54 -10.51 2.60
CA ILE A 161 30.17 -10.09 2.88
C ILE A 161 29.53 -10.99 3.93
N LEU A 162 29.30 -10.46 5.12
CA LEU A 162 28.63 -11.22 6.17
C LEU A 162 27.15 -10.90 6.12
N ALA A 163 26.48 -11.41 5.07
CA ALA A 163 25.10 -11.01 4.76
C ALA A 163 24.08 -11.42 5.81
N ASP A 164 24.31 -12.59 6.41
CA ASP A 164 23.47 -13.09 7.49
C ASP A 164 23.54 -12.17 8.71
N GLN A 165 24.75 -11.74 9.07
CA GLN A 165 24.94 -10.87 10.23
C GLN A 165 24.38 -9.48 9.95
N TYR A 166 24.55 -9.01 8.71
CA TYR A 166 23.96 -7.75 8.26
C TYR A 166 22.45 -7.76 8.47
N ALA A 167 21.79 -8.78 7.93
CA ALA A 167 20.34 -8.93 8.03
C ALA A 167 19.88 -9.01 9.49
N ASN A 168 20.59 -9.79 10.30
CA ASN A 168 20.30 -9.86 11.74
C ASN A 168 20.36 -8.49 12.45
N THR A 169 21.45 -7.76 12.23
CA THR A 169 21.68 -6.51 12.96
C THR A 169 20.84 -5.35 12.44
N VAL A 170 20.59 -5.32 11.13
CA VAL A 170 19.71 -4.30 10.54
C VAL A 170 18.23 -4.56 10.87
N TYR A 171 17.83 -5.83 10.93
CA TYR A 171 16.46 -6.17 11.36
C TYR A 171 16.23 -5.80 12.83
N ALA A 172 17.22 -6.07 13.69
CA ALA A 172 17.16 -5.68 15.10
C ALA A 172 17.04 -4.16 15.25
N GLN A 173 17.86 -3.42 14.51
CA GLN A 173 17.83 -1.96 14.50
C GLN A 173 16.48 -1.41 14.01
N TYR A 174 15.96 -2.03 12.95
CA TYR A 174 14.63 -1.72 12.42
C TYR A 174 13.55 -1.86 13.49
N LYS A 175 13.53 -3.01 14.17
CA LYS A 175 12.59 -3.28 15.25
C LYS A 175 12.81 -2.32 16.42
N SER A 176 14.08 -2.00 16.68
CA SER A 176 14.44 -1.08 17.75
C SER A 176 13.93 0.33 17.47
N TYR A 177 13.86 0.71 16.20
CA TYR A 177 13.26 1.97 15.77
C TYR A 177 11.72 1.98 15.86
N GLY A 178 11.14 0.80 16.07
CA GLY A 178 9.69 0.68 16.17
C GLY A 178 9.04 0.06 14.94
N GLY A 179 9.81 -0.72 14.18
CA GLY A 179 9.26 -1.45 13.04
C GLY A 179 8.29 -2.52 13.47
N ARG A 180 7.33 -2.85 12.62
CA ARG A 180 6.25 -3.78 12.99
C ARG A 180 5.84 -4.79 11.92
N TYR A 181 6.79 -5.19 11.06
CA TYR A 181 6.51 -6.17 10.01
C TYR A 181 7.64 -7.19 9.82
N SER A 182 7.29 -8.31 9.19
CA SER A 182 8.25 -9.35 8.81
C SER A 182 8.26 -9.56 7.29
N ARG A 183 7.23 -9.04 6.62
CA ARG A 183 7.08 -9.18 5.18
C ARG A 183 6.87 -7.82 4.51
N THR B 31 -15.37 -4.17 -12.43
CA THR B 31 -14.10 -4.68 -13.06
C THR B 31 -12.89 -4.55 -12.13
N VAL B 32 -13.08 -3.85 -11.00
CA VAL B 32 -11.99 -3.64 -10.04
C VAL B 32 -12.05 -4.69 -8.93
N THR B 33 -10.89 -5.07 -8.42
CA THR B 33 -10.81 -6.00 -7.28
C THR B 33 -10.20 -5.30 -6.08
N LYS B 34 -10.60 -5.77 -4.89
CA LYS B 34 -10.05 -5.28 -3.63
C LYS B 34 -8.54 -5.48 -3.57
N PRO B 35 -7.79 -4.41 -3.25
CA PRO B 35 -6.37 -4.58 -2.95
C PRO B 35 -6.19 -5.51 -1.75
N ALA B 36 -5.16 -6.34 -1.79
CA ALA B 36 -4.95 -7.39 -0.80
C ALA B 36 -4.93 -6.88 0.64
N GLU B 37 -4.31 -5.72 0.86
CA GLU B 37 -4.10 -5.18 2.21
C GLU B 37 -5.34 -4.48 2.79
N VAL B 38 -6.31 -4.20 1.94
CA VAL B 38 -7.55 -3.53 2.37
C VAL B 38 -8.46 -4.56 3.06
N PRO B 39 -8.79 -4.32 4.34
CA PRO B 39 -9.69 -5.23 5.06
C PRO B 39 -11.06 -5.26 4.41
N SER B 40 -11.68 -6.44 4.42
CA SER B 40 -12.99 -6.65 3.78
C SER B 40 -14.09 -5.68 4.23
N ARG B 41 -14.11 -5.36 5.52
CA ARG B 41 -15.13 -4.44 6.05
C ARG B 41 -14.97 -3.03 5.47
N ILE B 42 -13.71 -2.60 5.31
CA ILE B 42 -13.41 -1.29 4.72
C ILE B 42 -13.80 -1.29 3.24
N TRP B 43 -13.51 -2.38 2.54
CA TRP B 43 -13.82 -2.50 1.12
C TRP B 43 -15.33 -2.41 0.87
N THR B 44 -16.12 -2.97 1.77
CA THR B 44 -17.57 -2.87 1.72
C THR B 44 -18.02 -1.43 1.87
N TYR B 45 -17.46 -0.73 2.85
CA TYR B 45 -17.83 0.68 3.07
C TYR B 45 -17.53 1.55 1.83
N VAL B 46 -16.34 1.38 1.26
CA VAL B 46 -15.91 2.23 0.14
C VAL B 46 -16.60 1.86 -1.17
N MET B 47 -16.96 0.58 -1.32
CA MET B 47 -17.75 0.17 -2.48
C MET B 47 -19.17 0.75 -2.42
N ASN B 48 -19.75 0.80 -1.23
CA ASN B 48 -21.05 1.46 -1.02
C ASN B 48 -20.98 2.95 -1.37
N ALA B 49 -19.90 3.61 -0.98
CA ALA B 49 -19.66 5.00 -1.32
C ALA B 49 -19.43 5.18 -2.83
N ASP B 50 -18.65 4.27 -3.42
CA ASP B 50 -18.40 4.28 -4.85
C ASP B 50 -19.71 4.17 -5.65
N ASN B 51 -20.55 3.20 -5.27
CA ASN B 51 -21.88 3.02 -5.87
C ASN B 51 -22.70 4.31 -5.84
N ALA B 52 -22.71 4.98 -4.69
CA ALA B 52 -23.48 6.21 -4.51
C ALA B 52 -23.09 7.34 -5.46
N TYR B 53 -21.84 7.30 -5.94
CA TYR B 53 -21.36 8.31 -6.88
C TYR B 53 -21.16 7.76 -8.29
N GLY B 54 -21.53 6.50 -8.50
CA GLY B 54 -21.50 5.86 -9.81
C GLY B 54 -20.11 5.81 -10.44
N LYS B 55 -19.09 5.52 -9.62
CA LYS B 55 -17.70 5.61 -10.07
C LYS B 55 -17.10 4.28 -10.55
N GLY B 56 -17.93 3.25 -10.65
CA GLY B 56 -17.51 1.95 -11.20
C GLY B 56 -16.32 1.28 -10.53
N GLY B 57 -16.17 1.50 -9.22
CA GLY B 57 -15.14 0.82 -8.43
C GLY B 57 -13.85 1.60 -8.26
N ASP B 58 -13.64 2.60 -9.10
CA ASP B 58 -12.39 3.38 -9.08
C ASP B 58 -12.27 4.31 -7.87
N PHE B 59 -13.39 4.93 -7.49
CA PHE B 59 -13.45 5.77 -6.29
C PHE B 59 -13.20 4.94 -5.03
N ALA B 60 -13.66 3.68 -5.04
CA ALA B 60 -13.40 2.77 -3.93
C ALA B 60 -11.90 2.57 -3.71
N LEU B 61 -11.14 2.56 -4.80
CA LEU B 61 -9.67 2.45 -4.73
C LEU B 61 -9.05 3.71 -4.14
N LEU B 62 -9.55 4.89 -4.55
CA LEU B 62 -9.11 6.16 -4.00
C LEU B 62 -9.38 6.23 -2.49
N LEU B 63 -10.63 5.94 -2.11
CA LEU B 63 -11.03 5.97 -0.72
C LEU B 63 -10.26 4.99 0.16
N SER B 64 -9.93 3.83 -0.38
CA SER B 64 -9.09 2.84 0.32
C SER B 64 -7.72 3.44 0.64
N ALA B 65 -7.16 4.19 -0.32
CA ALA B 65 -5.89 4.90 -0.14
C ALA B 65 -6.00 6.03 0.89
N VAL B 66 -7.11 6.77 0.83
CA VAL B 66 -7.37 7.85 1.80
C VAL B 66 -7.46 7.27 3.21
N ILE B 67 -8.26 6.22 3.38
CA ILE B 67 -8.46 5.60 4.70
C ILE B 67 -7.18 4.97 5.26
N LYS B 68 -6.39 4.36 4.38
CA LYS B 68 -5.08 3.84 4.77
C LYS B 68 -4.25 4.94 5.43
N LYS B 69 -4.19 6.10 4.76
CA LYS B 69 -3.40 7.23 5.24
C LYS B 69 -4.01 7.91 6.47
N GLN B 70 -5.33 8.05 6.48
CA GLN B 70 -6.04 8.76 7.56
C GLN B 70 -6.05 8.01 8.90
N SER B 71 -6.25 6.70 8.88
CA SER B 71 -6.47 5.94 10.10
C SER B 71 -5.95 4.50 10.05
N TYR B 72 -5.23 4.16 8.98
CA TYR B 72 -4.84 2.77 8.70
C TYR B 72 -5.98 1.77 8.94
N PHE B 73 -7.14 2.05 8.35
CA PHE B 73 -8.32 1.18 8.41
C PHE B 73 -8.90 1.05 9.82
N GLY B 74 -8.58 2.00 10.68
CA GLY B 74 -9.03 2.00 12.07
C GLY B 74 -7.93 1.66 13.06
N ASP B 75 -6.88 1.00 12.59
CA ASP B 75 -5.82 0.48 13.47
C ASP B 75 -4.80 1.54 13.88
N GLY B 76 -4.76 2.65 13.16
CA GLY B 76 -3.80 3.73 13.42
C GLY B 76 -4.37 4.93 14.15
N LEU B 77 -5.53 4.75 14.79
CA LEU B 77 -6.21 5.84 15.51
C LEU B 77 -5.69 6.06 16.93
N SER B 78 -5.40 4.98 17.66
CA SER B 78 -4.98 5.03 19.08
C SER B 78 -3.71 5.84 19.27
N GLY B 79 -3.74 6.77 20.23
CA GLY B 79 -2.60 7.63 20.52
C GLY B 79 -2.76 9.03 19.98
N SER B 80 -3.52 9.17 18.89
CA SER B 80 -3.72 10.45 18.22
C SER B 80 -4.75 11.35 18.94
N PRO B 81 -4.50 12.68 18.95
CA PRO B 81 -5.50 13.60 19.50
C PRO B 81 -6.79 13.65 18.66
N SER B 82 -6.71 13.24 17.40
CA SER B 82 -7.87 13.25 16.51
C SER B 82 -8.49 11.86 16.33
N ALA B 83 -8.11 10.93 17.21
CA ALA B 83 -8.62 9.55 17.23
C ALA B 83 -10.13 9.47 17.04
N GLY B 84 -10.86 10.33 17.77
CA GLY B 84 -12.31 10.35 17.78
C GLY B 84 -12.98 10.74 16.47
N ASP B 85 -12.21 11.22 15.51
CA ASP B 85 -12.76 11.68 14.23
C ASP B 85 -13.00 10.58 13.19
N GLY B 86 -12.62 9.35 13.52
CA GLY B 86 -13.02 8.20 12.72
C GLY B 86 -12.16 7.85 11.52
N LEU B 87 -12.70 7.00 10.65
CA LEU B 87 -11.93 6.38 9.57
C LEU B 87 -11.35 7.35 8.55
N MET B 88 -12.06 8.44 8.29
CA MET B 88 -11.60 9.40 7.28
C MET B 88 -11.16 10.72 7.89
N GLN B 89 -11.23 10.78 9.23
CA GLN B 89 -10.63 11.83 10.03
C GLN B 89 -11.21 13.21 9.76
N VAL B 90 -12.48 13.24 9.35
CA VAL B 90 -13.19 14.49 9.13
C VAL B 90 -13.28 15.22 10.48
N GLU B 91 -12.84 16.47 10.49
CA GLU B 91 -12.77 17.26 11.73
C GLU B 91 -14.18 17.60 12.25
N PRO B 92 -14.33 17.74 13.59
CA PRO B 92 -15.66 17.99 14.15
C PRO B 92 -16.42 19.15 13.49
N ASN B 93 -15.73 20.27 13.26
CA ASN B 93 -16.36 21.44 12.65
C ASN B 93 -16.76 21.21 11.19
N THR B 94 -15.99 20.40 10.48
CA THR B 94 -16.26 20.09 9.09
C THR B 94 -17.45 19.12 8.98
N ARG B 95 -17.46 18.08 9.82
CA ARG B 95 -18.61 17.17 9.91
C ARG B 95 -19.90 17.97 10.13
N ASN B 96 -19.86 18.91 11.05
CA ASN B 96 -21.02 19.73 11.36
C ASN B 96 -21.49 20.58 10.17
N ALA B 97 -20.53 21.12 9.41
CA ALA B 97 -20.84 21.94 8.23
C ALA B 97 -21.54 21.16 7.12
N TYR B 98 -21.27 19.86 7.06
CA TYR B 98 -21.79 19.00 5.99
C TYR B 98 -23.00 18.14 6.39
N LEU B 99 -23.56 18.37 7.57
CA LEU B 99 -24.69 17.57 8.06
C LEU B 99 -25.91 17.60 7.13
N SER B 100 -26.27 18.80 6.64
CA SER B 100 -27.42 18.94 5.75
C SER B 100 -27.19 18.28 4.41
N GLN B 101 -26.00 18.47 3.86
CA GLN B 101 -25.60 17.82 2.61
C GLN B 101 -25.57 16.31 2.74
N PHE B 102 -25.10 15.82 3.89
CA PHE B 102 -25.10 14.39 4.18
C PHE B 102 -26.50 13.78 4.10
N SER B 103 -27.45 14.31 4.85
CA SER B 103 -28.78 13.70 4.86
C SER B 103 -29.50 13.85 3.52
N ALA B 104 -29.21 14.95 2.81
CA ALA B 104 -29.77 15.14 1.46
C ALA B 104 -29.21 14.12 0.46
N LYS B 105 -27.92 13.80 0.59
CA LYS B 105 -27.27 12.84 -0.29
C LYS B 105 -27.65 11.38 0.04
N TYR B 106 -27.66 11.05 1.33
CA TYR B 106 -27.79 9.66 1.75
C TYR B 106 -29.15 9.23 2.30
N GLY B 107 -30.00 10.19 2.67
CA GLY B 107 -31.37 9.86 3.09
C GLY B 107 -31.55 9.57 4.58
N HIS B 108 -30.47 9.65 5.35
CA HIS B 108 -30.55 9.58 6.81
C HIS B 108 -29.54 10.54 7.43
N ALA B 109 -29.78 10.93 8.68
CA ALA B 109 -28.88 11.81 9.40
C ALA B 109 -27.55 11.11 9.68
N TYR B 110 -26.47 11.88 9.58
CA TYR B 110 -25.14 11.38 9.90
C TYR B 110 -25.08 10.78 11.29
N ASN B 111 -24.56 9.56 11.38
CA ASN B 111 -24.34 8.89 12.66
C ASN B 111 -22.85 8.60 12.77
N HIS B 112 -22.16 9.40 13.59
CA HIS B 112 -20.70 9.30 13.74
C HIS B 112 -20.25 7.95 14.32
N SER B 113 -21.16 7.25 14.99
CA SER B 113 -20.85 5.91 15.52
C SER B 113 -20.86 4.84 14.43
N SER B 114 -21.41 5.17 13.26
CA SER B 114 -21.41 4.25 12.14
C SER B 114 -20.18 4.47 11.26
N GLU B 115 -19.37 3.42 11.13
CA GLU B 115 -18.19 3.46 10.28
C GLU B 115 -18.54 3.68 8.81
N GLN B 116 -19.66 3.11 8.37
CA GLN B 116 -20.17 3.34 7.02
C GLN B 116 -20.52 4.81 6.80
N ASP B 117 -21.19 5.42 7.78
CA ASP B 117 -21.52 6.85 7.70
C ASP B 117 -20.26 7.72 7.68
N GLN B 118 -19.26 7.32 8.47
CA GLN B 118 -17.95 8.00 8.46
C GLN B 118 -17.36 8.05 7.06
N VAL B 119 -17.37 6.90 6.38
CA VAL B 119 -16.82 6.78 5.02
C VAL B 119 -17.69 7.58 4.05
N TYR B 120 -19.01 7.47 4.20
CA TYR B 120 -19.98 8.26 3.42
C TYR B 120 -19.74 9.77 3.53
N MET B 121 -19.50 10.25 4.76
CA MET B 121 -19.25 11.67 4.99
C MET B 121 -17.96 12.12 4.31
N GLY B 122 -16.87 11.41 4.56
CA GLY B 122 -15.58 11.72 3.95
C GLY B 122 -15.64 11.68 2.43
N SER B 123 -16.35 10.68 1.89
CA SER B 123 -16.53 10.52 0.45
C SER B 123 -17.27 11.68 -0.19
N LEU B 124 -18.33 12.16 0.48
CA LEU B 124 -19.11 13.29 0.00
C LEU B 124 -18.22 14.53 -0.11
N ILE B 125 -17.45 14.79 0.95
CA ILE B 125 -16.54 15.95 0.99
C ILE B 125 -15.45 15.84 -0.08
N LEU B 126 -14.80 14.68 -0.15
CA LEU B 126 -13.75 14.44 -1.14
C LEU B 126 -14.25 14.58 -2.57
N ASN B 127 -15.43 14.02 -2.85
CA ASN B 127 -16.04 14.17 -4.17
C ASN B 127 -16.24 15.64 -4.54
N GLU B 128 -16.72 16.43 -3.58
CA GLU B 128 -16.92 17.86 -3.80
C GLU B 128 -15.61 18.57 -4.10
N LYS B 129 -14.54 18.23 -3.39
CA LYS B 129 -13.21 18.84 -3.66
C LYS B 129 -12.67 18.47 -5.04
N ILE B 130 -12.83 17.20 -5.43
CA ILE B 130 -12.41 16.73 -6.75
C ILE B 130 -13.18 17.46 -7.87
N VAL B 131 -14.49 17.61 -7.68
CA VAL B 131 -15.32 18.34 -8.63
C VAL B 131 -14.91 19.82 -8.69
N ARG B 132 -14.82 20.47 -7.53
CA ARG B 132 -14.48 21.90 -7.46
C ARG B 132 -13.08 22.20 -8.01
N PHE B 133 -12.08 21.41 -7.61
CA PHE B 133 -10.69 21.72 -7.95
C PHE B 133 -10.16 21.00 -9.21
N GLY B 134 -11.03 20.28 -9.89
CA GLY B 134 -10.76 19.76 -11.23
C GLY B 134 -9.78 18.61 -11.39
N SER B 135 -9.43 17.94 -10.28
CA SER B 135 -8.65 16.70 -10.35
C SER B 135 -8.70 15.92 -9.04
N ILE B 136 -8.36 14.64 -9.14
CA ILE B 136 -8.20 13.79 -7.96
C ILE B 136 -7.10 14.36 -7.07
N TYR B 137 -5.96 14.73 -7.68
CA TYR B 137 -4.85 15.31 -6.94
C TYR B 137 -5.23 16.57 -6.16
N SER B 138 -5.85 17.54 -6.83
CA SER B 138 -6.24 18.78 -6.16
C SER B 138 -7.36 18.57 -5.14
N GLY B 139 -8.23 17.59 -5.43
CA GLY B 139 -9.29 17.18 -4.50
C GLY B 139 -8.70 16.66 -3.21
N LEU B 140 -7.71 15.77 -3.31
CA LEU B 140 -6.99 15.26 -2.15
C LEU B 140 -6.31 16.39 -1.36
N LEU B 141 -5.70 17.33 -2.09
CA LEU B 141 -5.00 18.46 -1.47
C LEU B 141 -5.90 19.29 -0.56
N HIS B 142 -7.11 19.58 -1.03
CA HIS B 142 -8.04 20.44 -0.29
C HIS B 142 -8.94 19.68 0.68
N TYR B 143 -9.01 18.35 0.52
CA TYR B 143 -9.62 17.49 1.55
C TYR B 143 -8.75 17.56 2.80
N ASN B 144 -7.43 17.43 2.58
CA ASN B 144 -6.44 17.47 3.64
C ASN B 144 -6.29 18.86 4.25
N GLY B 145 -6.18 19.87 3.40
CA GLY B 145 -5.86 21.22 3.86
C GLY B 145 -7.05 22.15 4.07
N GLY B 146 -8.22 21.75 3.56
CA GLY B 146 -9.36 22.66 3.50
C GLY B 146 -9.23 23.55 2.27
N ASP B 147 -10.28 24.31 1.96
CA ASP B 147 -10.31 25.17 0.78
C ASP B 147 -9.33 26.33 0.83
N TYR B 148 -8.94 26.74 2.03
CA TYR B 148 -8.14 27.95 2.22
C TYR B 148 -6.74 27.65 2.75
N TRP B 149 -6.26 26.44 2.43
CA TRP B 149 -4.93 25.99 2.82
C TRP B 149 -3.83 26.87 2.24
N TYR B 150 -2.74 26.98 2.99
CA TYR B 150 -1.51 27.65 2.55
C TYR B 150 -0.35 26.93 3.27
N PRO B 151 0.87 26.99 2.70
CA PRO B 151 2.02 26.42 3.41
C PRO B 151 2.19 27.10 4.78
N GLY B 152 2.21 26.29 5.85
CA GLY B 152 2.26 26.79 7.22
C GLY B 152 0.97 26.65 8.00
N ALA B 153 -0.13 26.34 7.29
CA ALA B 153 -1.44 26.17 7.94
C ALA B 153 -1.48 24.98 8.89
N THR B 154 -2.33 25.07 9.91
CA THR B 154 -2.48 24.03 10.92
C THR B 154 -3.93 23.56 11.05
N ASP B 155 -4.11 22.26 11.31
CA ASP B 155 -5.46 21.70 11.50
C ASP B 155 -6.08 22.10 12.84
N SER B 156 -7.24 21.52 13.16
CA SER B 156 -7.94 21.84 14.42
C SER B 156 -7.18 21.40 15.67
N TYR B 157 -6.10 20.65 15.47
CA TYR B 157 -5.31 20.12 16.58
C TYR B 157 -3.88 20.69 16.58
N GLY B 158 -3.69 21.78 15.82
CA GLY B 158 -2.42 22.52 15.80
C GLY B 158 -1.30 21.82 15.04
N ARG B 159 -1.64 20.83 14.23
CA ARG B 159 -0.64 20.05 13.49
C ARG B 159 -0.38 20.64 12.10
N PRO B 160 0.90 20.75 11.70
CA PRO B 160 1.23 21.32 10.40
C PRO B 160 0.63 20.51 9.26
N ILE B 161 -0.16 21.15 8.40
CA ILE B 161 -0.77 20.48 7.26
C ILE B 161 0.12 20.57 6.02
N LEU B 162 0.64 19.43 5.59
CA LEU B 162 1.47 19.34 4.39
C LEU B 162 0.63 18.85 3.22
N ALA B 163 -0.30 19.69 2.77
CA ALA B 163 -1.37 19.28 1.85
C ALA B 163 -0.90 18.73 0.50
N ASP B 164 0.09 19.38 -0.11
CA ASP B 164 0.60 18.95 -1.41
C ASP B 164 1.33 17.60 -1.35
N GLN B 165 2.08 17.37 -0.28
CA GLN B 165 2.76 16.09 -0.07
C GLN B 165 1.76 14.98 0.20
N TYR B 166 0.75 15.29 1.01
CA TYR B 166 -0.35 14.38 1.27
C TYR B 166 -0.99 13.97 -0.05
N ALA B 167 -1.32 14.96 -0.88
CA ALA B 167 -1.95 14.71 -2.17
C ALA B 167 -1.10 13.79 -3.04
N ASN B 168 0.22 14.01 -3.02
CA ASN B 168 1.16 13.19 -3.77
C ASN B 168 1.25 11.75 -3.24
N THR B 169 1.35 11.61 -1.93
CA THR B 169 1.38 10.30 -1.26
C THR B 169 0.13 9.47 -1.55
N VAL B 170 -1.04 10.05 -1.28
CA VAL B 170 -2.30 9.33 -1.44
C VAL B 170 -2.58 9.04 -2.92
N TYR B 171 -2.28 10.02 -3.78
CA TYR B 171 -2.43 9.86 -5.22
C TYR B 171 -1.59 8.70 -5.76
N ALA B 172 -0.34 8.60 -5.29
CA ALA B 172 0.54 7.49 -5.69
C ALA B 172 0.03 6.14 -5.16
N GLN B 173 -0.56 6.15 -3.96
CA GLN B 173 -1.17 4.96 -3.39
C GLN B 173 -2.40 4.50 -4.19
N TYR B 174 -3.21 5.48 -4.58
CA TYR B 174 -4.35 5.26 -5.48
C TYR B 174 -3.92 4.57 -6.79
N LYS B 175 -2.83 5.03 -7.37
CA LYS B 175 -2.27 4.41 -8.58
C LYS B 175 -1.73 3.00 -8.32
N SER B 176 -1.12 2.79 -7.15
CA SER B 176 -0.62 1.47 -6.74
C SER B 176 -1.74 0.45 -6.60
N TYR B 177 -2.91 0.93 -6.14
CA TYR B 177 -4.10 0.10 -6.00
C TYR B 177 -4.76 -0.18 -7.36
N GLY B 178 -4.28 0.50 -8.39
CA GLY B 178 -4.77 0.30 -9.75
C GLY B 178 -5.75 1.36 -10.21
N GLY B 179 -5.66 2.55 -9.64
CA GLY B 179 -6.52 3.66 -10.03
C GLY B 179 -6.17 4.16 -11.41
N ARG B 180 -7.18 4.35 -12.26
CA ARG B 180 -6.95 4.61 -13.68
C ARG B 180 -7.33 6.01 -14.19
N TYR B 181 -7.76 6.89 -13.30
CA TYR B 181 -8.19 8.24 -13.72
C TYR B 181 -7.43 9.38 -13.05
N SER B 182 -7.61 10.58 -13.57
CA SER B 182 -6.98 11.78 -13.02
C SER B 182 -8.01 12.77 -12.46
N ARG B 183 -9.28 12.54 -12.79
CA ARG B 183 -10.39 13.30 -12.21
C ARG B 183 -11.61 12.41 -11.95
N THR C 31 3.41 -23.50 -24.10
CA THR C 31 3.80 -22.25 -24.81
C THR C 31 4.55 -21.28 -23.90
N VAL C 32 5.11 -20.25 -24.51
CA VAL C 32 5.68 -19.11 -23.81
C VAL C 32 4.54 -18.24 -23.26
N THR C 33 4.68 -17.78 -22.01
CA THR C 33 3.69 -16.87 -21.43
C THR C 33 4.32 -15.50 -21.16
N LYS C 34 3.50 -14.45 -21.22
CA LYS C 34 3.97 -13.10 -20.94
C LYS C 34 4.36 -12.96 -19.48
N PRO C 35 5.60 -12.53 -19.19
CA PRO C 35 5.96 -12.25 -17.81
C PRO C 35 5.03 -11.18 -17.26
N ALA C 36 4.58 -11.36 -16.01
CA ALA C 36 3.58 -10.49 -15.40
C ALA C 36 3.91 -9.00 -15.53
N GLU C 37 5.19 -8.66 -15.39
CA GLU C 37 5.63 -7.26 -15.37
C GLU C 37 5.76 -6.61 -16.77
N VAL C 38 5.67 -7.41 -17.84
CA VAL C 38 5.77 -6.86 -19.19
C VAL C 38 4.39 -6.34 -19.60
N PRO C 39 4.29 -5.04 -19.97
CA PRO C 39 3.01 -4.48 -20.39
C PRO C 39 2.46 -5.18 -21.64
N SER C 40 1.15 -5.34 -21.69
CA SER C 40 0.47 -6.04 -22.79
C SER C 40 0.86 -5.53 -24.16
N ARG C 41 0.95 -4.20 -24.30
CA ARG C 41 1.29 -3.59 -25.59
C ARG C 41 2.71 -3.96 -26.02
N ILE C 42 3.66 -3.98 -25.07
CA ILE C 42 5.03 -4.42 -25.36
C ILE C 42 5.06 -5.88 -25.81
N TRP C 43 4.29 -6.73 -25.11
CA TRP C 43 4.20 -8.14 -25.46
C TRP C 43 3.72 -8.32 -26.90
N THR C 44 2.70 -7.55 -27.28
CA THR C 44 2.22 -7.54 -28.66
C THR C 44 3.36 -7.22 -29.65
N TYR C 45 4.14 -6.19 -29.33
CA TYR C 45 5.23 -5.77 -30.21
C TYR C 45 6.29 -6.84 -30.37
N VAL C 46 6.75 -7.39 -29.26
CA VAL C 46 7.85 -8.37 -29.30
C VAL C 46 7.40 -9.72 -29.84
N MET C 47 6.13 -10.06 -29.68
CA MET C 47 5.63 -11.32 -30.23
C MET C 47 5.52 -11.26 -31.75
N ASN C 48 5.07 -10.11 -32.26
CA ASN C 48 5.08 -9.87 -33.69
C ASN C 48 6.49 -9.98 -34.27
N ALA C 49 7.48 -9.43 -33.56
CA ALA C 49 8.87 -9.50 -33.97
C ALA C 49 9.41 -10.92 -33.88
N ASP C 50 9.16 -11.58 -32.75
CA ASP C 50 9.54 -12.98 -32.55
C ASP C 50 9.01 -13.87 -33.69
N ASN C 51 7.72 -13.72 -34.01
CA ASN C 51 7.12 -14.51 -35.09
C ASN C 51 7.68 -14.21 -36.49
N ALA C 52 8.14 -12.97 -36.69
CA ALA C 52 8.79 -12.61 -37.94
C ALA C 52 10.04 -13.46 -38.22
N TYR C 53 10.67 -13.97 -37.15
CA TYR C 53 11.83 -14.84 -37.29
C TYR C 53 11.57 -16.31 -36.89
N GLY C 54 10.29 -16.67 -36.75
CA GLY C 54 9.88 -18.03 -36.39
C GLY C 54 10.52 -18.58 -35.14
N LYS C 55 10.64 -17.74 -34.11
CA LYS C 55 11.36 -18.11 -32.90
C LYS C 55 10.51 -18.75 -31.79
N GLY C 56 9.25 -19.04 -32.11
CA GLY C 56 8.36 -19.76 -31.20
C GLY C 56 8.14 -19.13 -29.84
N GLY C 57 8.33 -17.81 -29.74
CA GLY C 57 8.06 -17.08 -28.51
C GLY C 57 9.26 -16.79 -27.62
N ASP C 58 10.34 -17.55 -27.81
CA ASP C 58 11.55 -17.40 -26.98
C ASP C 58 12.29 -16.08 -27.18
N PHE C 59 12.35 -15.62 -28.44
CA PHE C 59 12.98 -14.35 -28.79
C PHE C 59 12.20 -13.17 -28.18
N ALA C 60 10.88 -13.30 -28.10
CA ALA C 60 10.03 -12.31 -27.41
C ALA C 60 10.42 -12.11 -25.94
N LEU C 61 10.83 -13.20 -25.28
CA LEU C 61 11.31 -13.14 -23.90
C LEU C 61 12.63 -12.37 -23.81
N LEU C 62 13.49 -12.57 -24.81
CA LEU C 62 14.74 -11.84 -24.90
C LEU C 62 14.50 -10.37 -25.21
N LEU C 63 13.61 -10.10 -26.16
CA LEU C 63 13.26 -8.71 -26.50
C LEU C 63 12.61 -7.96 -25.33
N SER C 64 11.82 -8.68 -24.52
CA SER C 64 11.23 -8.10 -23.31
C SER C 64 12.30 -7.66 -22.31
N ALA C 65 13.32 -8.50 -22.14
CA ALA C 65 14.47 -8.20 -21.29
C ALA C 65 15.25 -6.99 -21.79
N VAL C 66 15.49 -6.95 -23.11
CA VAL C 66 16.19 -5.82 -23.74
C VAL C 66 15.44 -4.51 -23.51
N ILE C 67 14.13 -4.52 -23.76
CA ILE C 67 13.31 -3.33 -23.64
C ILE C 67 13.20 -2.90 -22.18
N LYS C 68 13.06 -3.85 -21.26
CA LYS C 68 13.03 -3.53 -19.83
C LYS C 68 14.28 -2.74 -19.43
N LYS C 69 15.45 -3.19 -19.88
CA LYS C 69 16.70 -2.56 -19.49
C LYS C 69 17.04 -1.28 -20.25
N GLN C 70 16.69 -1.23 -21.53
CA GLN C 70 17.01 -0.06 -22.36
C GLN C 70 16.10 1.14 -22.09
N SER C 71 14.79 0.91 -21.95
CA SER C 71 13.83 2.00 -21.88
C SER C 71 12.78 1.87 -20.78
N TYR C 72 12.88 0.80 -19.99
CA TYR C 72 11.79 0.32 -19.10
C TYR C 72 10.38 0.43 -19.72
N PHE C 73 10.23 -0.23 -20.87
CA PHE C 73 8.96 -0.27 -21.61
C PHE C 73 8.48 1.12 -22.05
N GLY C 74 9.45 2.02 -22.28
CA GLY C 74 9.16 3.38 -22.72
C GLY C 74 9.01 4.39 -21.59
N ASP C 75 8.96 3.90 -20.35
CA ASP C 75 8.70 4.77 -19.19
C ASP C 75 9.95 5.25 -18.47
N GLY C 76 11.10 4.68 -18.83
CA GLY C 76 12.36 5.00 -18.15
C GLY C 76 13.35 5.82 -18.96
N LEU C 77 12.87 6.81 -19.69
CA LEU C 77 13.72 7.62 -20.56
C LEU C 77 13.69 9.14 -20.31
N SER C 78 12.94 9.58 -19.31
CA SER C 78 12.79 11.01 -19.03
C SER C 78 14.14 11.72 -18.86
N GLY C 79 14.31 12.83 -19.56
CA GLY C 79 15.55 13.61 -19.53
C GLY C 79 16.77 12.98 -20.19
N SER C 80 16.64 11.77 -20.70
CA SER C 80 17.77 11.10 -21.37
C SER C 80 18.08 11.74 -22.73
N PRO C 81 19.37 11.95 -23.02
CA PRO C 81 19.76 12.47 -24.34
C PRO C 81 19.34 11.57 -25.50
N SER C 82 19.16 10.27 -25.23
CA SER C 82 18.71 9.34 -26.26
C SER C 82 17.21 9.01 -26.16
N ALA C 83 16.46 9.87 -25.47
CA ALA C 83 15.03 9.65 -25.26
C ALA C 83 14.25 9.45 -26.58
N GLY C 84 14.71 10.11 -27.64
CA GLY C 84 14.07 9.99 -28.96
C GLY C 84 14.36 8.70 -29.72
N ASP C 85 15.23 7.85 -29.18
CA ASP C 85 15.66 6.63 -29.89
C ASP C 85 14.75 5.41 -29.74
N GLY C 86 13.66 5.57 -28.98
CA GLY C 86 12.62 4.53 -28.90
C GLY C 86 12.86 3.38 -27.95
N LEU C 87 11.96 2.39 -28.01
CA LEU C 87 11.88 1.30 -27.02
C LEU C 87 13.14 0.44 -26.90
N MET C 88 13.84 0.25 -28.01
CA MET C 88 15.05 -0.56 -28.02
C MET C 88 16.32 0.27 -28.13
N GLN C 89 16.14 1.59 -28.11
CA GLN C 89 17.24 2.57 -28.04
C GLN C 89 18.25 2.42 -29.18
N VAL C 90 17.77 2.02 -30.37
CA VAL C 90 18.60 1.98 -31.56
C VAL C 90 18.99 3.39 -32.00
N GLU C 91 20.29 3.62 -32.14
CA GLU C 91 20.85 4.94 -32.46
C GLU C 91 20.57 5.36 -33.91
N PRO C 92 20.47 6.69 -34.16
CA PRO C 92 20.15 7.21 -35.48
C PRO C 92 21.03 6.69 -36.62
N ASN C 93 22.35 6.71 -36.45
CA ASN C 93 23.27 6.20 -37.46
C ASN C 93 23.07 4.70 -37.72
N THR C 94 22.77 3.98 -36.65
CA THR C 94 22.50 2.54 -36.74
C THR C 94 21.17 2.24 -37.41
N ARG C 95 20.09 2.90 -36.97
CA ARG C 95 18.77 2.77 -37.61
C ARG C 95 18.89 2.96 -39.11
N ASN C 96 19.59 4.03 -39.50
CA ASN C 96 19.73 4.40 -40.91
C ASN C 96 20.51 3.38 -41.75
N ALA C 97 21.50 2.75 -41.14
CA ALA C 97 22.31 1.73 -41.84
C ALA C 97 21.50 0.47 -42.16
N TYR C 98 20.46 0.21 -41.38
CA TYR C 98 19.62 -0.99 -41.52
C TYR C 98 18.30 -0.74 -42.23
N LEU C 99 18.15 0.46 -42.81
CA LEU C 99 16.92 0.86 -43.48
C LEU C 99 16.50 -0.08 -44.63
N SER C 100 17.43 -0.39 -45.53
CA SER C 100 17.12 -1.27 -46.66
C SER C 100 16.88 -2.72 -46.21
N GLN C 101 17.59 -3.15 -45.18
CA GLN C 101 17.37 -4.47 -44.59
C GLN C 101 16.00 -4.60 -43.94
N PHE C 102 15.57 -3.55 -43.24
CA PHE C 102 14.24 -3.49 -42.63
C PHE C 102 13.16 -3.62 -43.70
N SER C 103 13.36 -2.89 -44.80
CA SER C 103 12.43 -2.83 -45.92
C SER C 103 12.28 -4.19 -46.59
N ALA C 104 13.40 -4.85 -46.86
CA ALA C 104 13.40 -6.18 -47.48
C ALA C 104 12.75 -7.25 -46.58
N LYS C 105 13.02 -7.16 -45.28
CA LYS C 105 12.47 -8.13 -44.31
C LYS C 105 10.97 -7.97 -44.05
N TYR C 106 10.54 -6.75 -43.78
CA TYR C 106 9.18 -6.49 -43.33
C TYR C 106 8.21 -6.03 -44.43
N GLY C 107 8.76 -5.59 -45.58
CA GLY C 107 7.96 -5.24 -46.74
C GLY C 107 7.60 -3.77 -46.86
N HIS C 108 7.63 -3.07 -45.73
CA HIS C 108 7.34 -1.64 -45.69
C HIS C 108 8.56 -0.86 -45.18
N ALA C 109 8.57 0.44 -45.44
CA ALA C 109 9.65 1.33 -45.01
C ALA C 109 9.59 1.55 -43.50
N TYR C 110 10.76 1.75 -42.89
CA TYR C 110 10.84 1.99 -41.45
C TYR C 110 10.18 3.30 -41.05
N ASN C 111 9.26 3.23 -40.09
CA ASN C 111 8.62 4.41 -39.53
C ASN C 111 8.95 4.52 -38.04
N HIS C 112 9.90 5.39 -37.74
CA HIS C 112 10.43 5.56 -36.38
C HIS C 112 9.38 5.97 -35.33
N SER C 113 8.28 6.58 -35.77
CA SER C 113 7.19 6.98 -34.86
C SER C 113 6.34 5.81 -34.39
N SER C 114 6.39 4.70 -35.12
CA SER C 114 5.67 3.50 -34.75
C SER C 114 6.49 2.65 -33.76
N GLU C 115 5.96 2.49 -32.55
CA GLU C 115 6.60 1.65 -31.53
C GLU C 115 6.78 0.21 -32.02
N GLN C 116 5.81 -0.29 -32.78
CA GLN C 116 5.92 -1.61 -33.40
C GLN C 116 7.12 -1.68 -34.35
N ASP C 117 7.28 -0.67 -35.20
CA ASP C 117 8.43 -0.59 -36.11
C ASP C 117 9.77 -0.43 -35.35
N GLN C 118 9.76 0.34 -34.26
CA GLN C 118 10.95 0.48 -33.40
C GLN C 118 11.45 -0.89 -32.91
N VAL C 119 10.51 -1.69 -32.40
CA VAL C 119 10.78 -3.05 -31.94
C VAL C 119 11.20 -3.95 -33.10
N TYR C 120 10.54 -3.80 -34.25
CA TYR C 120 10.89 -4.57 -35.46
C TYR C 120 12.34 -4.31 -35.88
N MET C 121 12.75 -3.04 -35.80
CA MET C 121 14.10 -2.62 -36.18
C MET C 121 15.16 -3.16 -35.23
N GLY C 122 14.97 -2.94 -33.94
CA GLY C 122 15.88 -3.47 -32.91
C GLY C 122 15.98 -5.00 -32.93
N SER C 123 14.85 -5.68 -33.12
CA SER C 123 14.82 -7.14 -33.23
C SER C 123 15.65 -7.61 -34.41
N LEU C 124 15.52 -6.91 -35.54
CA LEU C 124 16.22 -7.27 -36.76
C LEU C 124 17.74 -7.16 -36.55
N ILE C 125 18.16 -6.10 -35.86
CA ILE C 125 19.58 -5.87 -35.55
C ILE C 125 20.11 -6.90 -34.55
N LEU C 126 19.36 -7.13 -33.48
CA LEU C 126 19.77 -8.12 -32.47
C LEU C 126 19.85 -9.52 -33.07
N ASN C 127 18.82 -9.90 -33.82
CA ASN C 127 18.84 -11.21 -34.48
C ASN C 127 20.05 -11.37 -35.40
N GLU C 128 20.29 -10.34 -36.21
CA GLU C 128 21.43 -10.26 -37.11
C GLU C 128 22.73 -10.54 -36.37
N LYS C 129 22.90 -9.89 -35.22
CA LYS C 129 24.14 -10.02 -34.46
C LYS C 129 24.27 -11.36 -33.72
N ILE C 130 23.14 -11.90 -33.28
CA ILE C 130 23.11 -13.24 -32.69
C ILE C 130 23.53 -14.29 -33.72
N VAL C 131 23.02 -14.17 -34.94
CA VAL C 131 23.39 -15.06 -36.03
C VAL C 131 24.86 -14.89 -36.42
N ARG C 132 25.27 -13.65 -36.67
CA ARG C 132 26.63 -13.35 -37.16
C ARG C 132 27.74 -13.62 -36.12
N PHE C 133 27.47 -13.31 -34.84
CA PHE C 133 28.45 -13.59 -33.78
C PHE C 133 28.32 -14.98 -33.18
N GLY C 134 27.19 -15.64 -33.44
CA GLY C 134 27.03 -17.06 -33.15
C GLY C 134 26.44 -17.44 -31.81
N SER C 135 26.00 -16.46 -31.03
CA SER C 135 25.41 -16.72 -29.72
C SER C 135 24.59 -15.54 -29.22
N ILE C 136 23.69 -15.81 -28.28
CA ILE C 136 22.87 -14.77 -27.67
C ILE C 136 23.72 -13.76 -26.90
N TYR C 137 24.67 -14.25 -26.10
CA TYR C 137 25.51 -13.37 -25.27
C TYR C 137 26.35 -12.42 -26.13
N SER C 138 27.02 -12.96 -27.14
CA SER C 138 27.84 -12.15 -28.04
C SER C 138 26.97 -11.20 -28.86
N GLY C 139 25.79 -11.69 -29.26
CA GLY C 139 24.80 -10.85 -29.94
C GLY C 139 24.39 -9.64 -29.11
N LEU C 140 24.08 -9.87 -27.83
CA LEU C 140 23.73 -8.80 -26.90
C LEU C 140 24.90 -7.83 -26.69
N LEU C 141 26.10 -8.38 -26.47
CA LEU C 141 27.27 -7.55 -26.22
C LEU C 141 27.48 -6.56 -27.38
N HIS C 142 27.40 -7.07 -28.62
CA HIS C 142 27.65 -6.26 -29.81
C HIS C 142 26.44 -5.45 -30.29
N TYR C 143 25.24 -5.83 -29.86
CA TYR C 143 24.05 -5.02 -30.09
C TYR C 143 24.25 -3.69 -29.35
N ASN C 144 24.58 -3.78 -28.08
CA ASN C 144 24.77 -2.62 -27.22
C ASN C 144 26.08 -1.88 -27.48
N GLY C 145 27.15 -2.62 -27.75
CA GLY C 145 28.48 -2.03 -27.92
C GLY C 145 28.83 -1.63 -29.34
N GLY C 146 28.14 -2.24 -30.31
CA GLY C 146 28.54 -2.12 -31.71
C GLY C 146 29.55 -3.20 -32.05
N ASP C 147 29.75 -3.44 -33.34
CA ASP C 147 30.69 -4.45 -33.79
C ASP C 147 32.11 -4.13 -33.34
N TYR C 148 32.45 -2.84 -33.33
CA TYR C 148 33.79 -2.38 -33.01
C TYR C 148 33.92 -1.95 -31.54
N TRP C 149 33.16 -2.61 -30.66
CA TRP C 149 33.22 -2.26 -29.23
C TRP C 149 34.55 -2.64 -28.57
N TYR C 150 34.95 -1.83 -27.60
CA TYR C 150 36.09 -2.10 -26.72
C TYR C 150 35.81 -1.42 -25.37
N PRO C 151 36.44 -1.89 -24.27
CA PRO C 151 36.23 -1.24 -22.97
C PRO C 151 36.57 0.26 -23.02
N GLY C 152 35.57 1.09 -22.74
CA GLY C 152 35.75 2.54 -22.77
C GLY C 152 35.24 3.21 -24.03
N ALA C 153 34.74 2.43 -24.99
CA ALA C 153 34.11 2.99 -26.19
C ALA C 153 32.92 3.87 -25.81
N THR C 154 32.67 4.90 -26.61
CA THR C 154 31.57 5.83 -26.34
C THR C 154 30.47 5.75 -27.41
N ASP C 155 29.25 6.14 -27.03
CA ASP C 155 28.12 6.09 -27.95
C ASP C 155 27.92 7.40 -28.72
N SER C 156 26.82 7.49 -29.50
CA SER C 156 26.50 8.67 -30.31
C SER C 156 26.38 9.96 -29.50
N TYR C 157 26.26 9.83 -28.18
CA TYR C 157 26.08 10.99 -27.29
C TYR C 157 27.25 11.14 -26.32
N GLY C 158 28.39 10.55 -26.66
CA GLY C 158 29.61 10.64 -25.86
C GLY C 158 29.64 9.85 -24.56
N ARG C 159 28.67 8.96 -24.38
CA ARG C 159 28.57 8.21 -23.13
C ARG C 159 29.34 6.88 -23.19
N PRO C 160 30.03 6.52 -22.08
CA PRO C 160 30.75 5.23 -22.02
C PRO C 160 29.80 4.03 -22.03
N ILE C 161 30.12 3.03 -22.84
CA ILE C 161 29.26 1.86 -23.04
C ILE C 161 29.78 0.63 -22.27
N LEU C 162 29.02 0.20 -21.28
CA LEU C 162 29.39 -0.98 -20.48
C LEU C 162 28.75 -2.23 -21.09
N ALA C 163 29.22 -2.60 -22.28
CA ALA C 163 28.58 -3.66 -23.07
C ALA C 163 28.61 -5.04 -22.40
N ASP C 164 29.69 -5.34 -21.69
CA ASP C 164 29.80 -6.61 -20.98
C ASP C 164 28.80 -6.69 -19.83
N GLN C 165 28.64 -5.58 -19.10
CA GLN C 165 27.64 -5.46 -18.05
C GLN C 165 26.23 -5.66 -18.61
N TYR C 166 25.97 -5.04 -19.75
CA TYR C 166 24.69 -5.12 -20.44
C TYR C 166 24.39 -6.57 -20.82
N ALA C 167 25.32 -7.23 -21.52
CA ALA C 167 25.14 -8.63 -21.90
C ALA C 167 24.82 -9.52 -20.68
N ASN C 168 25.56 -9.33 -19.59
CA ASN C 168 25.33 -10.06 -18.33
C ASN C 168 23.92 -9.87 -17.78
N THR C 169 23.50 -8.61 -17.61
CA THR C 169 22.25 -8.31 -16.94
C THR C 169 21.01 -8.62 -17.81
N VAL C 170 21.13 -8.45 -19.12
CA VAL C 170 20.02 -8.79 -20.02
C VAL C 170 19.88 -10.31 -20.18
N TYR C 171 21.01 -11.02 -20.29
CA TYR C 171 20.96 -12.48 -20.35
C TYR C 171 20.30 -13.05 -19.10
N ALA C 172 20.68 -12.51 -17.93
CA ALA C 172 20.06 -12.92 -16.67
C ALA C 172 18.56 -12.62 -16.64
N GLN C 173 18.15 -11.44 -17.10
CA GLN C 173 16.73 -11.09 -17.18
C GLN C 173 15.97 -12.05 -18.11
N TYR C 174 16.58 -12.35 -19.27
CA TYR C 174 16.04 -13.31 -20.23
C TYR C 174 15.80 -14.68 -19.61
N LYS C 175 16.78 -15.19 -18.87
CA LYS C 175 16.63 -16.47 -18.19
C LYS C 175 15.56 -16.41 -17.09
N SER C 176 15.55 -15.31 -16.35
CA SER C 176 14.55 -15.06 -15.32
C SER C 176 13.14 -14.98 -15.89
N TYR C 177 13.03 -14.57 -17.16
CA TYR C 177 11.76 -14.57 -17.87
C TYR C 177 11.39 -15.96 -18.38
N GLY C 178 12.32 -16.91 -18.30
CA GLY C 178 12.07 -18.28 -18.75
C GLY C 178 12.68 -18.60 -20.11
N GLY C 179 13.67 -17.81 -20.52
CA GLY C 179 14.42 -18.07 -21.75
C GLY C 179 15.08 -19.43 -21.75
N ARG C 180 15.04 -20.09 -22.91
CA ARG C 180 15.42 -21.50 -23.00
C ARG C 180 16.76 -21.77 -23.70
N TYR C 181 17.33 -20.76 -24.35
CA TYR C 181 18.47 -21.00 -25.25
C TYR C 181 19.77 -20.22 -24.96
N SER C 182 20.80 -20.53 -25.74
CA SER C 182 22.10 -19.86 -25.68
C SER C 182 22.55 -19.38 -27.07
N ARG C 183 21.85 -19.86 -28.09
CA ARG C 183 22.05 -19.44 -29.48
C ARG C 183 20.70 -19.09 -30.11
N THR D 31 -14.99 -24.23 17.63
CA THR D 31 -16.10 -25.07 17.05
C THR D 31 -17.40 -24.29 16.83
N VAL D 32 -17.52 -23.13 17.46
CA VAL D 32 -18.66 -22.23 17.28
C VAL D 32 -18.56 -21.54 15.93
N THR D 33 -19.64 -21.58 15.14
CA THR D 33 -19.68 -20.90 13.85
C THR D 33 -20.64 -19.71 13.87
N LYS D 34 -20.41 -18.77 12.96
CA LYS D 34 -21.24 -17.58 12.81
C LYS D 34 -22.67 -17.97 12.41
N PRO D 35 -23.67 -17.46 13.17
CA PRO D 35 -25.05 -17.59 12.70
C PRO D 35 -25.19 -16.91 11.34
N ALA D 36 -25.99 -17.51 10.46
CA ALA D 36 -26.14 -17.04 9.09
C ALA D 36 -26.46 -15.55 8.99
N GLU D 37 -27.44 -15.08 9.77
CA GLU D 37 -27.94 -13.70 9.67
C GLU D 37 -27.01 -12.62 10.26
N VAL D 38 -25.97 -13.04 10.99
CA VAL D 38 -25.03 -12.09 11.59
C VAL D 38 -24.03 -11.62 10.52
N PRO D 39 -23.97 -10.30 10.27
CA PRO D 39 -23.02 -9.80 9.27
C PRO D 39 -21.57 -10.13 9.63
N SER D 40 -20.78 -10.42 8.60
CA SER D 40 -19.39 -10.78 8.71
C SER D 40 -18.57 -9.84 9.60
N ARG D 41 -18.73 -8.52 9.43
CA ARG D 41 -17.94 -7.56 10.18
C ARG D 41 -18.28 -7.59 11.68
N ILE D 42 -19.56 -7.80 11.99
CA ILE D 42 -20.06 -7.93 13.36
C ILE D 42 -19.46 -9.18 14.02
N TRP D 43 -19.47 -10.31 13.31
CA TRP D 43 -18.91 -11.56 13.83
C TRP D 43 -17.44 -11.40 14.24
N THR D 44 -16.67 -10.68 13.41
CA THR D 44 -15.28 -10.36 13.75
C THR D 44 -15.21 -9.55 15.05
N TYR D 45 -16.04 -8.51 15.17
CA TYR D 45 -16.03 -7.69 16.38
C TYR D 45 -16.31 -8.53 17.63
N VAL D 46 -17.36 -9.34 17.58
CA VAL D 46 -17.79 -10.11 18.75
C VAL D 46 -16.85 -11.27 19.08
N MET D 47 -16.21 -11.84 18.05
CA MET D 47 -15.22 -12.90 18.26
C MET D 47 -13.98 -12.34 18.94
N ASN D 48 -13.57 -11.14 18.53
CA ASN D 48 -12.46 -10.43 19.18
C ASN D 48 -12.75 -10.15 20.65
N ALA D 49 -13.98 -9.73 20.95
CA ALA D 49 -14.40 -9.53 22.34
C ALA D 49 -14.42 -10.86 23.12
N ASP D 50 -14.93 -11.91 22.48
CA ASP D 50 -14.96 -13.25 23.07
C ASP D 50 -13.54 -13.74 23.40
N ASN D 51 -12.60 -13.55 22.46
CA ASN D 51 -11.19 -13.88 22.65
C ASN D 51 -10.59 -13.16 23.85
N ALA D 52 -10.92 -11.88 24.00
CA ALA D 52 -10.44 -11.05 25.12
C ALA D 52 -10.90 -11.57 26.47
N TYR D 53 -12.05 -12.25 26.51
CA TYR D 53 -12.55 -12.84 27.75
C TYR D 53 -12.35 -14.35 27.85
N GLY D 54 -11.73 -14.94 26.82
CA GLY D 54 -11.49 -16.38 26.74
C GLY D 54 -12.73 -17.24 26.90
N LYS D 55 -13.77 -16.93 26.12
CA LYS D 55 -15.06 -17.60 26.28
C LYS D 55 -15.38 -18.68 25.23
N GLY D 56 -14.37 -19.08 24.47
CA GLY D 56 -14.50 -20.18 23.50
C GLY D 56 -15.58 -20.03 22.43
N GLY D 57 -15.95 -18.80 22.11
CA GLY D 57 -16.93 -18.53 21.07
C GLY D 57 -18.35 -18.35 21.57
N ASP D 58 -18.64 -18.80 22.79
CA ASP D 58 -19.99 -18.73 23.33
C ASP D 58 -20.47 -17.31 23.64
N PHE D 59 -19.58 -16.49 24.21
CA PHE D 59 -19.89 -15.08 24.49
C PHE D 59 -20.21 -14.34 23.19
N ALA D 60 -19.51 -14.70 22.11
CA ALA D 60 -19.75 -14.12 20.78
C ALA D 60 -21.20 -14.33 20.33
N LEU D 61 -21.76 -15.50 20.63
CA LEU D 61 -23.15 -15.78 20.31
C LEU D 61 -24.12 -14.90 21.10
N LEU D 62 -23.85 -14.70 22.40
CA LEU D 62 -24.67 -13.82 23.23
C LEU D 62 -24.58 -12.37 22.77
N LEU D 63 -23.37 -11.94 22.45
CA LEU D 63 -23.13 -10.59 21.94
C LEU D 63 -23.82 -10.34 20.61
N SER D 64 -23.85 -11.36 19.74
CA SER D 64 -24.59 -11.28 18.48
C SER D 64 -26.07 -11.03 18.72
N ALA D 65 -26.63 -11.75 19.70
CA ALA D 65 -28.02 -11.60 20.08
C ALA D 65 -28.31 -10.22 20.67
N VAL D 66 -27.38 -9.70 21.48
CA VAL D 66 -27.49 -8.35 22.05
C VAL D 66 -27.48 -7.30 20.94
N ILE D 67 -26.53 -7.41 20.03
CA ILE D 67 -26.41 -6.45 18.94
C ILE D 67 -27.63 -6.47 18.01
N LYS D 68 -28.13 -7.66 17.71
CA LYS D 68 -29.36 -7.80 16.93
C LYS D 68 -30.46 -6.95 17.57
N LYS D 69 -30.66 -7.15 18.87
CA LYS D 69 -31.71 -6.46 19.63
C LYS D 69 -31.46 -4.97 19.75
N GLN D 70 -30.22 -4.57 20.04
CA GLN D 70 -29.92 -3.16 20.31
C GLN D 70 -29.94 -2.26 19.05
N SER D 71 -29.43 -2.78 17.93
CA SER D 71 -29.19 -1.93 16.77
C SER D 71 -29.47 -2.61 15.43
N TYR D 72 -29.97 -3.84 15.48
CA TYR D 72 -30.06 -4.72 14.31
C TYR D 72 -28.78 -4.66 13.46
N PHE D 73 -27.64 -4.85 14.13
CA PHE D 73 -26.30 -4.87 13.51
C PHE D 73 -25.87 -3.55 12.88
N GLY D 74 -26.53 -2.46 13.28
CA GLY D 74 -26.22 -1.14 12.79
C GLY D 74 -27.30 -0.60 11.88
N ASP D 75 -28.15 -1.50 11.39
CA ASP D 75 -29.20 -1.16 10.43
C ASP D 75 -30.50 -0.66 11.06
N GLY D 76 -30.65 -0.82 12.37
CA GLY D 76 -31.85 -0.35 13.07
C GLY D 76 -31.65 0.94 13.85
N LEU D 77 -30.61 1.69 13.52
CA LEU D 77 -30.24 2.91 14.29
C LEU D 77 -30.99 4.17 13.83
N SER D 78 -31.09 4.35 12.51
CA SER D 78 -31.77 5.52 11.92
C SER D 78 -33.15 5.78 12.50
N GLY D 79 -33.47 7.05 12.75
CA GLY D 79 -34.76 7.43 13.31
C GLY D 79 -34.80 7.49 14.83
N SER D 80 -33.94 6.73 15.49
CA SER D 80 -33.94 6.66 16.96
C SER D 80 -33.18 7.82 17.61
N PRO D 81 -33.75 8.39 18.71
CA PRO D 81 -33.05 9.42 19.46
C PRO D 81 -31.69 8.95 20.00
N SER D 82 -31.53 7.64 20.18
CA SER D 82 -30.29 7.07 20.69
C SER D 82 -29.39 6.46 19.60
N ALA D 83 -29.61 6.85 18.35
CA ALA D 83 -28.82 6.33 17.21
C ALA D 83 -27.30 6.49 17.42
N GLY D 84 -26.90 7.65 17.93
CA GLY D 84 -25.48 7.96 18.15
C GLY D 84 -24.74 7.09 19.15
N ASP D 85 -25.47 6.28 19.90
CA ASP D 85 -24.88 5.42 20.93
C ASP D 85 -24.28 4.12 20.39
N GLY D 86 -24.44 3.87 19.09
CA GLY D 86 -23.71 2.79 18.43
C GLY D 86 -24.27 1.37 18.57
N LEU D 87 -23.42 0.40 18.24
CA LEU D 87 -23.83 -0.99 18.00
C LEU D 87 -24.49 -1.70 19.17
N MET D 88 -24.03 -1.38 20.38
CA MET D 88 -24.55 -2.02 21.58
C MET D 88 -25.36 -1.05 22.43
N GLN D 89 -25.56 0.16 21.90
CA GLN D 89 -26.43 1.19 22.48
C GLN D 89 -26.08 1.62 23.91
N VAL D 90 -24.80 1.52 24.26
CA VAL D 90 -24.36 1.96 25.58
C VAL D 90 -24.60 3.47 25.69
N GLU D 91 -25.39 3.88 26.69
CA GLU D 91 -25.72 5.29 26.90
C GLU D 91 -24.47 6.10 27.26
N PRO D 92 -24.45 7.41 26.88
CA PRO D 92 -23.29 8.28 27.13
C PRO D 92 -22.81 8.28 28.59
N ASN D 93 -23.72 8.42 29.54
CA ASN D 93 -23.34 8.37 30.97
C ASN D 93 -22.75 7.03 31.40
N THR D 94 -23.22 5.95 30.78
CA THR D 94 -22.68 4.61 31.07
C THR D 94 -21.29 4.43 30.46
N ARG D 95 -21.14 4.78 29.18
CA ARG D 95 -19.83 4.75 28.51
C ARG D 95 -18.78 5.50 29.34
N ASN D 96 -19.16 6.70 29.78
CA ASN D 96 -18.32 7.55 30.63
C ASN D 96 -17.93 6.87 31.95
N ALA D 97 -18.89 6.22 32.60
CA ALA D 97 -18.64 5.51 33.86
C ALA D 97 -17.61 4.38 33.73
N TYR D 98 -17.44 3.87 32.52
CA TYR D 98 -16.61 2.69 32.29
C TYR D 98 -15.31 2.96 31.55
N LEU D 99 -14.97 4.25 31.37
CA LEU D 99 -13.80 4.62 30.57
C LEU D 99 -12.47 4.04 31.09
N SER D 100 -12.24 4.15 32.40
CA SER D 100 -10.99 3.66 32.99
C SER D 100 -10.90 2.11 32.95
N GLN D 101 -12.02 1.45 33.23
CA GLN D 101 -12.12 -0.01 33.10
C GLN D 101 -11.82 -0.48 31.67
N PHE D 102 -12.31 0.27 30.68
CA PHE D 102 -12.03 -0.03 29.26
C PHE D 102 -10.54 0.02 28.92
N SER D 103 -9.87 1.11 29.29
CA SER D 103 -8.45 1.25 28.97
C SER D 103 -7.58 0.24 29.71
N ALA D 104 -7.93 -0.06 30.96
CA ALA D 104 -7.24 -1.09 31.76
C ALA D 104 -7.34 -2.48 31.13
N LYS D 105 -8.53 -2.82 30.61
CA LYS D 105 -8.78 -4.11 29.99
C LYS D 105 -8.17 -4.23 28.59
N TYR D 106 -8.33 -3.19 27.77
CA TYR D 106 -8.00 -3.29 26.34
C TYR D 106 -6.70 -2.60 25.90
N GLY D 107 -6.08 -1.83 26.79
CA GLY D 107 -4.78 -1.20 26.50
C GLY D 107 -4.80 0.07 25.65
N HIS D 108 -5.98 0.58 25.35
CA HIS D 108 -6.13 1.87 24.68
C HIS D 108 -7.38 2.59 25.17
N ALA D 109 -7.43 3.91 24.98
CA ALA D 109 -8.61 4.70 25.35
C ALA D 109 -9.80 4.34 24.46
N TYR D 110 -10.99 4.41 25.01
CA TYR D 110 -12.22 4.14 24.28
C TYR D 110 -12.41 5.17 23.16
N ASN D 111 -12.57 4.66 21.94
CA ASN D 111 -12.86 5.49 20.77
C ASN D 111 -14.26 5.17 20.27
N HIS D 112 -15.21 6.06 20.54
CA HIS D 112 -16.61 5.81 20.18
C HIS D 112 -16.83 5.69 18.67
N SER D 113 -15.89 6.22 17.88
CA SER D 113 -15.98 6.14 16.42
C SER D 113 -15.58 4.76 15.91
N SER D 114 -15.00 3.94 16.78
CA SER D 114 -14.62 2.59 16.40
C SER D 114 -15.74 1.62 16.76
N GLU D 115 -16.26 0.92 15.75
CA GLU D 115 -17.29 -0.10 15.98
C GLU D 115 -16.76 -1.26 16.82
N GLN D 116 -15.50 -1.63 16.60
CA GLN D 116 -14.84 -2.64 17.44
C GLN D 116 -14.80 -2.19 18.91
N ASP D 117 -14.43 -0.93 19.16
CA ASP D 117 -14.45 -0.39 20.53
C ASP D 117 -15.86 -0.37 21.14
N GLN D 118 -16.86 -0.02 20.32
CA GLN D 118 -18.25 -0.06 20.77
C GLN D 118 -18.60 -1.44 21.31
N VAL D 119 -18.22 -2.47 20.56
CA VAL D 119 -18.47 -3.85 20.96
C VAL D 119 -17.63 -4.23 22.18
N TYR D 120 -16.35 -3.89 22.18
CA TYR D 120 -15.47 -4.13 23.34
C TYR D 120 -16.04 -3.51 24.62
N MET D 121 -16.56 -2.29 24.51
CA MET D 121 -17.16 -1.58 25.63
C MET D 121 -18.44 -2.28 26.11
N GLY D 122 -19.37 -2.53 25.20
CA GLY D 122 -20.61 -3.23 25.55
C GLY D 122 -20.36 -4.58 26.19
N SER D 123 -19.38 -5.32 25.66
CA SER D 123 -19.07 -6.65 26.17
C SER D 123 -18.42 -6.61 27.54
N LEU D 124 -17.56 -5.62 27.78
CA LEU D 124 -17.02 -5.38 29.12
C LEU D 124 -18.13 -5.17 30.15
N ILE D 125 -19.10 -4.32 29.81
CA ILE D 125 -20.21 -4.01 30.71
C ILE D 125 -21.10 -5.23 30.92
N LEU D 126 -21.48 -5.92 29.83
CA LEU D 126 -22.31 -7.12 29.94
C LEU D 126 -21.62 -8.21 30.80
N ASN D 127 -20.34 -8.46 30.54
CA ASN D 127 -19.57 -9.42 31.35
C ASN D 127 -19.59 -9.08 32.84
N GLU D 128 -19.42 -7.80 33.17
CA GLU D 128 -19.47 -7.34 34.56
C GLU D 128 -20.86 -7.60 35.17
N LYS D 129 -21.93 -7.34 34.43
CA LYS D 129 -23.27 -7.60 34.92
C LYS D 129 -23.51 -9.10 35.17
N ILE D 130 -23.05 -9.93 34.24
CA ILE D 130 -23.18 -11.38 34.36
C ILE D 130 -22.42 -11.89 35.59
N VAL D 131 -21.15 -11.49 35.72
CA VAL D 131 -20.34 -11.85 36.88
C VAL D 131 -21.00 -11.37 38.18
N ARG D 132 -21.40 -10.09 38.23
CA ARG D 132 -21.92 -9.51 39.46
C ARG D 132 -23.30 -10.05 39.87
N PHE D 133 -24.16 -10.32 38.90
CA PHE D 133 -25.50 -10.82 39.22
C PHE D 133 -25.60 -12.34 39.24
N GLY D 134 -24.55 -13.01 38.78
CA GLY D 134 -24.45 -14.46 38.87
C GLY D 134 -25.16 -15.25 37.79
N SER D 135 -25.72 -14.55 36.79
CA SER D 135 -26.36 -15.24 35.68
C SER D 135 -26.45 -14.41 34.41
N ILE D 136 -26.56 -15.11 33.29
CA ILE D 136 -26.76 -14.49 31.99
C ILE D 136 -28.08 -13.72 31.97
N TYR D 137 -29.15 -14.35 32.46
CA TYR D 137 -30.46 -13.72 32.43
C TYR D 137 -30.43 -12.38 33.17
N SER D 138 -29.93 -12.41 34.40
CA SER D 138 -29.87 -11.23 35.25
C SER D 138 -28.83 -10.22 34.73
N GLY D 139 -27.75 -10.73 34.14
CA GLY D 139 -26.77 -9.88 33.48
C GLY D 139 -27.40 -9.07 32.36
N LEU D 140 -28.21 -9.73 31.53
CA LEU D 140 -28.92 -9.09 30.43
C LEU D 140 -29.93 -8.06 30.90
N LEU D 141 -30.72 -8.43 31.90
CA LEU D 141 -31.75 -7.57 32.45
C LEU D 141 -31.16 -6.25 32.96
N HIS D 142 -30.02 -6.34 33.64
CA HIS D 142 -29.39 -5.17 34.22
C HIS D 142 -28.45 -4.43 33.27
N TYR D 143 -28.06 -5.10 32.19
CA TYR D 143 -27.41 -4.44 31.08
C TYR D 143 -28.38 -3.43 30.48
N ASN D 144 -29.61 -3.89 30.22
CA ASN D 144 -30.67 -3.06 29.63
C ASN D 144 -31.32 -2.08 30.62
N GLY D 145 -31.52 -2.51 31.86
CA GLY D 145 -32.26 -1.71 32.82
C GLY D 145 -31.44 -0.87 33.79
N GLY D 146 -30.13 -1.10 33.81
CA GLY D 146 -29.29 -0.56 34.88
C GLY D 146 -29.38 -1.46 36.10
N ASP D 147 -28.48 -1.26 37.05
CA ASP D 147 -28.46 -2.04 38.30
C ASP D 147 -29.69 -1.85 39.17
N TYR D 148 -30.40 -0.74 38.98
CA TYR D 148 -31.50 -0.38 39.87
C TYR D 148 -32.85 -0.31 39.15
N TRP D 149 -32.98 -1.12 38.10
CA TRP D 149 -34.20 -1.20 37.31
C TRP D 149 -35.43 -1.60 38.14
N TYR D 150 -36.55 -0.98 37.82
CA TYR D 150 -37.85 -1.34 38.36
C TYR D 150 -38.85 -1.20 37.22
N PRO D 151 -39.93 -1.99 37.23
CA PRO D 151 -40.95 -1.81 36.19
C PRO D 151 -41.42 -0.35 36.17
N GLY D 152 -41.32 0.28 35.00
CA GLY D 152 -41.72 1.68 34.87
C GLY D 152 -40.57 2.66 34.76
N ALA D 153 -39.35 2.19 35.06
CA ALA D 153 -38.14 3.01 34.90
C ALA D 153 -37.94 3.48 33.47
N THR D 154 -37.33 4.65 33.30
CA THR D 154 -37.09 5.21 31.98
C THR D 154 -35.59 5.43 31.70
N ASP D 155 -35.22 5.42 30.41
CA ASP D 155 -33.82 5.57 30.02
C ASP D 155 -33.39 7.04 29.91
N SER D 156 -32.16 7.29 29.45
CA SER D 156 -31.64 8.65 29.29
C SER D 156 -32.41 9.50 28.27
N TYR D 157 -33.28 8.85 27.51
CA TYR D 157 -34.09 9.52 26.50
C TYR D 157 -35.56 9.57 26.90
N GLY D 158 -35.86 9.18 28.14
CA GLY D 158 -37.22 9.23 28.67
C GLY D 158 -38.10 8.09 28.21
N ARG D 159 -37.49 7.06 27.61
CA ARG D 159 -38.22 5.89 27.12
C ARG D 159 -38.34 4.83 28.21
N PRO D 160 -39.53 4.20 28.34
CA PRO D 160 -39.75 3.17 29.36
C PRO D 160 -38.96 1.89 29.06
N ILE D 161 -38.27 1.37 30.07
CA ILE D 161 -37.40 0.21 29.90
C ILE D 161 -38.10 -1.08 30.32
N LEU D 162 -38.30 -1.97 29.36
CA LEU D 162 -38.96 -3.24 29.64
C LEU D 162 -37.89 -4.33 29.79
N ALA D 163 -37.10 -4.21 30.87
CA ALA D 163 -35.88 -5.02 31.03
C ALA D 163 -36.12 -6.52 31.08
N ASP D 164 -37.22 -6.93 31.71
CA ASP D 164 -37.58 -8.33 31.81
C ASP D 164 -37.88 -8.93 30.42
N GLN D 165 -38.59 -8.18 29.58
CA GLN D 165 -38.90 -8.60 28.23
C GLN D 165 -37.64 -8.65 27.37
N TYR D 166 -36.77 -7.65 27.55
CA TYR D 166 -35.46 -7.63 26.92
C TYR D 166 -34.68 -8.90 27.24
N ALA D 167 -34.57 -9.20 28.53
CA ALA D 167 -33.86 -10.40 28.98
C ALA D 167 -34.47 -11.67 28.37
N ASN D 168 -35.79 -11.80 28.39
CA ASN D 168 -36.49 -12.93 27.77
C ASN D 168 -36.12 -13.08 26.30
N THR D 169 -36.22 -11.98 25.56
CA THR D 169 -35.96 -11.95 24.11
C THR D 169 -34.51 -12.30 23.76
N VAL D 170 -33.56 -11.60 24.38
CA VAL D 170 -32.15 -11.80 24.07
C VAL D 170 -31.67 -13.19 24.51
N TYR D 171 -32.14 -13.64 25.68
CA TYR D 171 -31.83 -14.98 26.16
C TYR D 171 -32.30 -16.06 25.17
N ALA D 172 -33.55 -15.95 24.70
CA ALA D 172 -34.10 -16.89 23.72
C ALA D 172 -33.32 -16.86 22.41
N GLN D 173 -32.93 -15.67 21.97
CA GLN D 173 -32.14 -15.50 20.74
C GLN D 173 -30.75 -16.12 20.90
N TYR D 174 -30.14 -15.89 22.05
CA TYR D 174 -28.85 -16.53 22.38
C TYR D 174 -28.94 -18.06 22.26
N LYS D 175 -29.99 -18.65 22.82
CA LYS D 175 -30.22 -20.10 22.69
C LYS D 175 -30.43 -20.49 21.22
N SER D 176 -31.18 -19.65 20.51
CA SER D 176 -31.46 -19.87 19.07
C SER D 176 -30.17 -19.90 18.26
N TYR D 177 -29.20 -19.06 18.65
CA TYR D 177 -27.90 -19.03 18.00
C TYR D 177 -26.99 -20.20 18.38
N GLY D 178 -27.44 -21.05 19.31
CA GLY D 178 -26.66 -22.19 19.78
C GLY D 178 -25.88 -21.99 21.08
N GLY D 179 -26.26 -20.98 21.87
CA GLY D 179 -25.62 -20.72 23.16
C GLY D 179 -25.73 -21.92 24.11
N ARG D 180 -24.67 -22.16 24.89
CA ARG D 180 -24.55 -23.41 25.68
C ARG D 180 -24.91 -23.31 27.17
N TYR D 181 -24.86 -22.10 27.73
CA TYR D 181 -25.11 -21.91 29.16
C TYR D 181 -26.59 -21.71 29.49
N SER D 182 -26.98 -22.18 30.68
CA SER D 182 -28.30 -21.90 31.26
C SER D 182 -28.27 -20.57 31.99
N ARG D 183 -27.18 -20.34 32.72
CA ARG D 183 -26.95 -19.07 33.41
C ARG D 183 -25.46 -18.74 33.51
C1 NAG E . 29.36 -0.57 6.09
C2 NAG E . 30.01 -0.22 4.75
C3 NAG E . 29.16 -0.78 3.62
C4 NAG E . 28.97 -2.29 3.82
C5 NAG E . 28.47 -2.61 5.23
C6 NAG E . 28.47 -4.12 5.46
C7 NAG E . 31.28 1.77 4.11
C8 NAG E . 31.26 3.27 3.99
N2 NAG E . 30.17 1.22 4.58
O1 NAG E . 30.09 -0.03 7.17
O3 NAG E . 29.78 -0.54 2.37
O4 NAG E . 28.37 -3.17 2.86
O5 NAG E . 29.29 -1.98 6.20
O6 NAG E . 27.92 -4.42 6.73
O7 NAG E . 32.28 1.14 3.78
C1 NAG E . 28.28 -3.30 1.46
C2 NAG E . 28.59 -4.75 1.07
C3 NAG E . 28.32 -4.95 -0.40
C4 NAG E . 26.89 -4.52 -0.73
C5 NAG E . 26.63 -3.08 -0.28
C6 NAG E . 25.17 -2.70 -0.48
C7 NAG E . 30.28 -5.77 2.49
C8 NAG E . 31.73 -6.09 2.70
N2 NAG E . 29.97 -5.10 1.37
O3 NAG E . 28.55 -6.29 -0.77
O4 NAG E . 26.63 -4.57 -2.11
O5 NAG E . 26.96 -2.93 1.11
O6 NAG E . 24.35 -3.35 0.46
O7 NAG E . 29.44 -6.11 3.32
C1 NAG E . 26.17 -5.75 -2.72
C2 NAG E . 25.21 -5.38 -3.84
C3 NAG E . 24.76 -6.61 -4.61
C4 NAG E . 25.94 -7.51 -4.99
C5 NAG E . 26.93 -7.69 -3.83
C6 NAG E . 28.21 -8.43 -4.22
C7 NAG E . 23.81 -3.41 -3.66
C8 NAG E . 22.61 -2.76 -3.05
N2 NAG E . 24.08 -4.66 -3.29
O3 NAG E . 24.08 -6.17 -5.77
O4 NAG E . 25.75 -8.47 -6.05
O5 NAG E . 27.28 -6.43 -3.28
O6 NAG E . 28.91 -7.73 -5.23
O7 NAG E . 24.50 -2.80 -4.47
C1 NAG E . 26.21 -8.83 -7.34
C2 NAG E . 25.88 -10.30 -7.59
C3 NAG E . 26.12 -10.70 -9.05
C4 NAG E . 25.54 -9.67 -10.02
C5 NAG E . 26.00 -8.25 -9.65
C6 NAG E . 25.44 -7.20 -10.60
C7 NAG E . 26.11 -12.04 -5.86
C8 NAG E . 27.08 -12.84 -5.03
N2 NAG E . 26.65 -11.16 -6.70
O3 NAG E . 25.54 -11.96 -9.30
O4 NAG E . 25.96 -9.99 -11.34
O5 NAG E . 25.62 -7.98 -8.30
O6 NAG E . 24.05 -7.02 -10.41
O7 NAG E . 24.90 -12.24 -5.74
C1 NAG F . -2.75 10.67 9.74
C2 NAG F . -3.72 11.32 10.73
C3 NAG F . -4.73 12.19 10.01
C4 NAG F . -4.03 13.17 9.06
C5 NAG F . -2.99 12.46 8.19
C6 NAG F . -2.16 13.45 7.37
C7 NAG F . -4.49 10.33 12.82
C8 NAG F . -5.26 9.21 13.45
N2 NAG F . -4.42 10.31 11.49
O1 NAG F . -1.78 9.91 10.42
O3 NAG F . -5.52 12.87 10.97
O4 NAG F . -4.81 14.30 8.62
O5 NAG F . -2.11 11.68 8.98
O6 NAG F . -1.09 12.79 6.73
O7 NAG F . -3.96 11.21 13.52
C1 NAG F . -5.79 15.27 8.91
C2 NAG F . -5.25 16.66 8.58
C3 NAG F . -6.36 17.69 8.71
C4 NAG F . -7.61 17.27 7.93
C5 NAG F . -8.02 15.83 8.24
C6 NAG F . -9.12 15.36 7.29
C7 NAG F . -2.87 16.97 8.97
C8 NAG F . -1.77 17.35 9.92
N2 NAG F . -4.12 17.02 9.43
O3 NAG F . -5.88 18.93 8.22
O4 NAG F . -8.76 18.04 8.25
O5 NAG F . -6.92 14.95 8.11
O6 NAG F . -8.63 15.29 5.97
O7 NAG F . -2.59 16.63 7.82
C1 NAG F . -9.01 19.22 7.53
C2 NAG F . -10.49 19.35 7.19
C3 NAG F . -10.80 20.71 6.60
C4 NAG F . -10.21 21.83 7.48
C5 NAG F . -8.73 21.56 7.78
C6 NAG F . -8.09 22.59 8.70
C7 NAG F . -11.86 17.44 6.58
C8 NAG F . -12.24 16.46 5.50
N2 NAG F . -10.93 18.33 6.24
O3 NAG F . -12.21 20.84 6.48
O4 NAG F . -10.59 23.08 6.94
O5 NAG F . -8.63 20.28 8.38
O6 NAG F . -8.71 22.56 9.98
O7 NAG F . -12.40 17.40 7.69
C1 NAG F . -11.25 24.05 7.72
C2 NAG F . -11.03 25.42 7.07
C3 NAG F . -11.84 26.50 7.78
C4 NAG F . -13.31 26.06 7.88
C5 NAG F . -13.42 24.67 8.52
C6 NAG F . -14.87 24.18 8.54
C7 NAG F . -8.87 25.87 5.96
C8 NAG F . -7.42 26.20 6.17
N2 NAG F . -9.61 25.73 7.07
O3 NAG F . -11.77 27.70 7.04
O4 NAG F . -14.03 27.01 8.64
O5 NAG F . -12.63 23.73 7.79
O6 NAG F . -15.26 23.77 7.26
O7 NAG F . -9.32 25.75 4.82
C1 NAG G . 22.59 2.77 -25.40
C2 NAG G . 24.10 2.64 -25.47
C3 NAG G . 24.47 2.69 -26.95
C4 NAG G . 23.72 1.58 -27.68
C5 NAG G . 22.22 1.54 -27.36
C6 NAG G . 21.54 0.29 -27.92
C7 NAG G . 25.26 3.41 -23.49
C8 NAG G . 25.94 4.56 -22.79
N2 NAG G . 24.78 3.66 -24.70
O1 NAG G . 22.17 2.90 -24.07
O3 NAG G . 25.87 2.54 -27.11
O4 NAG G . 23.73 1.85 -29.08
O5 NAG G . 22.01 1.60 -25.96
O6 NAG G . 21.94 -0.85 -27.19
O7 NAG G . 25.19 2.31 -22.94
C1 NAG G . 24.83 1.33 -29.77
C2 NAG G . 24.38 0.91 -31.17
C3 NAG G . 25.58 0.45 -32.00
C4 NAG G . 26.73 1.46 -31.94
C5 NAG G . 27.02 1.91 -30.50
C6 NAG G . 28.01 3.07 -30.44
C7 NAG G . 22.16 0.05 -31.56
C8 NAG G . 21.20 -1.09 -31.43
N2 NAG G . 23.37 -0.14 -31.07
O3 NAG G . 25.15 0.27 -33.33
O4 NAG G . 27.87 1.10 -32.74
O5 NAG G . 25.83 2.35 -29.88
O6 NAG G . 27.50 4.16 -31.17
O7 NAG G . 21.80 1.10 -32.11
C1 NAG G . 28.35 1.90 -33.81
C2 NAG G . 29.80 1.48 -34.11
C3 NAG G . 30.33 2.15 -35.38
C4 NAG G . 29.31 2.01 -36.52
C5 NAG G . 27.94 2.52 -36.05
C6 NAG G . 26.85 2.43 -37.12
C7 NAG G . 31.28 0.88 -32.27
C8 NAG G . 32.11 1.40 -31.13
N2 NAG G . 30.64 1.81 -32.99
O3 NAG G . 31.54 1.54 -35.75
O4 NAG G . 29.77 2.69 -37.67
O5 NAG G . 27.52 1.76 -34.93
O6 NAG G . 26.56 1.06 -37.32
O7 NAG G . 31.22 -0.33 -32.49
C1 NAG H . -33.76 -1.06 20.50
C2 NAG H . -33.14 0.33 20.70
C3 NAG H . -32.25 0.33 21.94
C4 NAG H . -33.03 -0.21 23.15
C5 NAG H . -33.76 -1.52 22.82
C6 NAG H . -34.64 -1.97 23.97
C7 NAG H . -32.47 2.03 19.08
C8 NAG H . -31.61 2.31 17.88
N2 NAG H . -32.39 0.78 19.54
O1 NAG H . -34.57 -1.07 19.35
O3 NAG H . -31.80 1.64 22.18
O4 NAG H . -32.54 -0.22 24.49
O5 NAG H . -34.53 -1.38 21.64
O6 NAG H . -35.12 -3.26 23.69
O7 NAG H . -33.19 2.91 19.58
C1 NAG H . -31.78 0.65 25.31
C2 NAG H . -32.55 0.89 26.61
C3 NAG H . -31.68 1.62 27.62
C4 NAG H . -30.34 0.92 27.76
C5 NAG H . -29.68 0.70 26.39
C6 NAG H . -28.39 -0.10 26.48
C7 NAG H . -34.96 1.07 26.37
C8 NAG H . -36.15 1.95 26.12
N2 NAG H . -33.76 1.66 26.36
O3 NAG H . -32.32 1.65 28.87
O4 NAG H . -29.37 1.63 28.52
O5 NAG H . -30.56 0.00 25.54
O6 NAG H . -28.69 -1.41 26.90
O7 NAG H . -35.12 -0.12 26.58
C1 NAG H . -29.32 1.48 29.91
C2 NAG H . -27.87 1.59 30.36
C3 NAG H . -27.80 1.62 31.89
C4 NAG H . -28.70 2.72 32.43
C5 NAG H . -30.13 2.55 31.91
C6 NAG H . -31.08 3.64 32.40
C7 NAG H . -26.05 0.64 29.06
C8 NAG H . -25.33 -0.60 28.65
N2 NAG H . -27.08 0.48 29.87
O3 NAG H . -26.46 1.80 32.27
O4 NAG H . -28.72 2.70 33.87
O5 NAG H . -30.12 2.51 30.50
O6 NAG H . -30.64 4.89 31.92
O7 NAG H . -25.68 1.74 28.63
C1 NAG H . -28.25 3.81 34.62
C2 NAG H . -28.66 3.60 36.07
C3 NAG H . -28.08 4.70 36.96
C4 NAG H . -26.58 4.87 36.74
C5 NAG H . -26.15 4.84 35.27
C6 NAG H . -24.67 4.46 35.21
C7 NAG H . -30.75 2.55 36.80
C8 NAG H . -32.25 2.65 36.83
N2 NAG H . -30.11 3.55 36.19
O3 NAG H . -28.34 4.35 38.29
O4 NAG H . -26.15 6.10 37.29
O5 NAG H . -26.85 3.88 34.49
O6 NAG H . -24.09 5.14 34.12
O7 NAG H . -30.20 1.58 37.30
#